data_6OR4
#
_entry.id   6OR4
#
_cell.length_a   49.960
_cell.length_b   68.820
_cell.length_c   72.670
_cell.angle_alpha   76.580
_cell.angle_beta   73.240
_cell.angle_gamma   73.610
#
_symmetry.space_group_name_H-M   'P 1'
#
loop_
_entity.id
_entity.type
_entity.pdbx_description
1 polymer 'Glycoside hydrolase'
2 branched beta-D-galactopyranose-(1-3)-[alpha-L-fucopyranose-(1-4)]2-acetamido-2-deoxy-beta-D-glucopyranose
3 water water
#
_entity_poly.entity_id   1
_entity_poly.type   'polypeptide(L)'
_entity_poly.pdbx_seq_one_letter_code
;MKKIKPHGPLPSQTQLAYLGDELAAFIHFGPNTFYDQEWGTGQEDPERFNPSQLDAREWVRVLKETGFKKLILVVKHHDG
FVLYPTAHTDYSVKVSPWRRGKGDLLLEVSQAATEFDMDMGVYLSPWDAHSPLYHVDREADYNAYYLAQLKEILSNPNYG
NAGKFAEVWMNGARGEGAQKVNYEFEKWFETIRDLQGDCLIFSTEGTSIRWIGNQRGYAGDPLWQKVNPDKLGTEAELNY
LQHGDPSGTIFSIGEADVSIRPGWFYHEDQDPKSLEELVEIYFHSVGRGTPLLLNIPPNQAGLFDAKDIERLYEFATYRN
ELYKEDLALGAEVSGPALSADFACRHLTDGLETSSWASDADLPIQLELDLGSPKTFDVIELREDLKLGQRIAAFHVQVEV
DGVWQEFGSGHTVGYKRLLRGAVVEAQKIRVVITESQALPLLTKISLYKTP
;
_entity_poly.pdbx_strand_id   A,B
#
# COMPACT_ATOMS: atom_id res chain seq x y z
N LYS A 3 18.28 -23.36 17.59
CA LYS A 3 18.15 -21.87 17.51
C LYS A 3 19.55 -21.25 17.54
N ILE A 4 19.72 -20.19 16.74
CA ILE A 4 20.94 -19.39 16.75
C ILE A 4 20.71 -18.20 17.67
N LYS A 5 21.70 -17.84 18.49
CA LYS A 5 21.47 -16.74 19.40
C LYS A 5 21.69 -15.43 18.65
N PRO A 6 20.85 -14.41 18.92
CA PRO A 6 20.96 -13.10 18.25
C PRO A 6 22.29 -12.45 18.63
N HIS A 7 22.78 -11.56 17.76
CA HIS A 7 23.99 -10.86 18.08
C HIS A 7 23.75 -9.36 17.92
N GLY A 8 24.30 -8.56 18.84
CA GLY A 8 24.29 -7.11 18.75
C GLY A 8 22.87 -6.57 18.90
N PRO A 9 22.64 -5.25 18.70
CA PRO A 9 21.30 -4.67 18.82
C PRO A 9 20.48 -5.02 17.57
N LEU A 10 19.19 -5.28 17.81
CA LEU A 10 18.26 -5.79 16.81
C LEU A 10 17.39 -4.63 16.34
N PRO A 11 17.08 -4.58 15.03
CA PRO A 11 16.25 -3.53 14.46
C PRO A 11 14.80 -3.69 14.91
N SER A 12 14.11 -2.56 15.06
CA SER A 12 12.69 -2.65 15.27
C SER A 12 12.01 -3.06 13.95
N GLN A 13 10.73 -3.43 14.07
CA GLN A 13 9.85 -3.72 12.95
C GLN A 13 9.81 -2.53 11.98
N THR A 14 9.73 -1.29 12.49
CA THR A 14 9.64 -0.13 11.60
C THR A 14 10.98 0.11 10.89
N GLN A 15 12.10 -0.17 11.56
CA GLN A 15 13.41 -0.10 10.93
C GLN A 15 13.51 -1.12 9.78
N LEU A 16 13.13 -2.38 10.04
CA LEU A 16 13.17 -3.41 8.99
C LEU A 16 12.28 -2.99 7.81
N ALA A 17 11.10 -2.45 8.12
CA ALA A 17 10.22 -2.08 7.01
C ALA A 17 10.90 -1.05 6.10
N TYR A 18 11.53 -0.03 6.70
CA TYR A 18 12.21 0.99 5.93
C TYR A 18 13.33 0.37 5.08
N LEU A 19 14.14 -0.50 5.72
CA LEU A 19 15.19 -1.21 5.00
C LEU A 19 14.68 -1.97 3.78
N GLY A 20 13.54 -2.66 3.92
CA GLY A 20 12.89 -3.39 2.83
C GLY A 20 12.31 -2.46 1.75
N ASP A 21 11.84 -1.28 2.19
CA ASP A 21 11.23 -0.31 1.29
C ASP A 21 12.28 0.35 0.41
N GLU A 22 13.46 0.63 0.99
CA GLU A 22 14.64 1.01 0.20
C GLU A 22 14.59 2.45 -0.31
N LEU A 23 13.44 2.90 -0.84
CA LEU A 23 13.38 4.21 -1.48
C LEU A 23 12.36 5.13 -0.85
N ALA A 24 12.82 6.32 -0.49
CA ALA A 24 11.95 7.35 0.07
C ALA A 24 12.23 8.63 -0.71
N ALA A 25 11.23 9.50 -0.82
CA ALA A 25 11.40 10.77 -1.52
C ALA A 25 11.34 11.94 -0.55
N PHE A 26 12.16 12.97 -0.80
CA PHE A 26 12.18 14.20 -0.04
C PHE A 26 11.51 15.27 -0.91
N ILE A 27 10.76 16.19 -0.28
CA ILE A 27 10.21 17.32 -1.01
C ILE A 27 10.52 18.60 -0.24
N HIS A 28 11.36 19.44 -0.84
CA HIS A 28 11.74 20.75 -0.36
C HIS A 28 11.08 21.77 -1.28
N PHE A 29 10.00 22.38 -0.80
CA PHE A 29 9.30 23.41 -1.53
C PHE A 29 8.94 24.47 -0.51
N GLY A 30 8.91 25.73 -0.93
CA GLY A 30 8.53 26.80 -0.01
C GLY A 30 8.96 28.15 -0.57
N PRO A 31 8.94 29.22 0.24
CA PRO A 31 9.46 30.52 -0.18
C PRO A 31 10.78 30.50 -0.97
N ASN A 32 11.73 29.65 -0.55
CA ASN A 32 13.04 29.60 -1.18
C ASN A 32 12.88 29.33 -2.68
N THR A 33 11.81 28.62 -3.05
CA THR A 33 11.52 28.29 -4.44
C THR A 33 11.29 29.58 -5.25
N PHE A 34 10.68 30.59 -4.63
CA PHE A 34 10.28 31.81 -5.31
C PHE A 34 11.40 32.85 -5.24
N TYR A 35 12.28 32.66 -4.25
CA TYR A 35 13.38 33.58 -3.97
C TYR A 35 14.68 33.05 -4.57
N ASP A 36 14.60 31.89 -5.25
CA ASP A 36 15.74 31.29 -5.93
C ASP A 36 16.95 31.16 -5.00
N GLN A 37 16.74 30.53 -3.83
CA GLN A 37 17.78 30.40 -2.81
C GLN A 37 17.70 29.04 -2.13
N GLU A 38 18.73 28.70 -1.36
CA GLU A 38 18.79 27.42 -0.68
C GLU A 38 18.40 27.55 0.80
N TRP A 39 18.59 28.77 1.36
CA TRP A 39 18.36 29.08 2.77
C TRP A 39 17.67 30.44 2.85
N GLY A 40 16.61 30.54 3.67
CA GLY A 40 15.81 31.74 3.78
C GLY A 40 16.12 32.50 5.06
N THR A 41 15.69 33.77 5.14
CA THR A 41 16.01 34.62 6.27
C THR A 41 14.86 34.55 7.28
N GLY A 42 13.64 34.38 6.74
CA GLY A 42 12.44 34.56 7.53
C GLY A 42 11.75 35.88 7.23
N GLN A 43 12.28 36.60 6.22
CA GLN A 43 11.73 37.89 5.83
C GLN A 43 11.12 37.81 4.44
N GLU A 44 11.09 36.61 3.88
CA GLU A 44 10.48 36.35 2.59
C GLU A 44 9.00 36.76 2.66
N ASP A 45 8.53 37.43 1.60
CA ASP A 45 7.20 37.99 1.54
C ASP A 45 6.17 36.90 1.23
N PRO A 46 5.27 36.59 2.19
CA PRO A 46 4.23 35.58 1.97
C PRO A 46 3.35 35.83 0.75
N GLU A 47 3.36 37.08 0.24
CA GLU A 47 2.58 37.50 -0.91
C GLU A 47 3.11 36.82 -2.18
N ARG A 48 4.41 36.51 -2.20
CA ARG A 48 5.04 35.90 -3.37
C ARG A 48 4.58 34.45 -3.50
N PHE A 49 4.35 33.81 -2.34
CA PHE A 49 3.96 32.41 -2.30
C PHE A 49 2.57 32.22 -2.90
N ASN A 50 2.51 31.91 -4.20
CA ASN A 50 1.25 31.54 -4.82
C ASN A 50 1.49 30.48 -5.91
N PRO A 51 1.79 29.21 -5.55
CA PRO A 51 1.84 28.14 -6.54
C PRO A 51 0.46 27.58 -6.90
N SER A 52 -0.34 28.34 -7.66
CA SER A 52 -1.73 27.98 -7.86
C SER A 52 -1.88 26.66 -8.61
N GLN A 53 -0.86 26.35 -9.44
CA GLN A 53 -0.87 25.16 -10.28
C GLN A 53 -0.53 23.90 -9.47
N LEU A 54 -0.12 24.09 -8.20
CA LEU A 54 0.40 22.99 -7.40
C LEU A 54 -0.54 21.80 -7.44
N ASP A 55 0.05 20.61 -7.60
CA ASP A 55 -0.76 19.44 -7.79
C ASP A 55 -0.14 18.26 -7.03
N ALA A 56 -0.51 18.12 -5.75
CA ALA A 56 0.09 17.17 -4.83
C ALA A 56 -0.16 15.73 -5.28
N ARG A 57 -1.35 15.50 -5.86
CA ARG A 57 -1.71 14.21 -6.45
C ARG A 57 -0.75 13.85 -7.58
N GLU A 58 -0.31 14.85 -8.35
CA GLU A 58 0.68 14.59 -9.39
C GLU A 58 2.01 14.20 -8.76
N TRP A 59 2.40 14.88 -7.67
CA TRP A 59 3.63 14.55 -6.95
C TRP A 59 3.60 13.08 -6.53
N VAL A 60 2.55 12.70 -5.82
CA VAL A 60 2.41 11.37 -5.25
C VAL A 60 2.31 10.30 -6.33
N ARG A 61 1.51 10.56 -7.38
CA ARG A 61 1.29 9.59 -8.45
C ARG A 61 2.63 9.24 -9.08
N VAL A 62 3.40 10.26 -9.47
CA VAL A 62 4.68 10.03 -10.12
C VAL A 62 5.62 9.33 -9.14
N LEU A 63 5.68 9.77 -7.87
CA LEU A 63 6.55 9.10 -6.92
C LEU A 63 6.15 7.64 -6.76
N LYS A 64 4.86 7.33 -6.68
CA LYS A 64 4.44 5.95 -6.50
C LYS A 64 4.82 5.12 -7.72
N GLU A 65 4.52 5.64 -8.91
CA GLU A 65 4.75 4.93 -10.16
C GLU A 65 6.25 4.72 -10.40
N THR A 66 7.10 5.53 -9.78
CA THR A 66 8.52 5.34 -10.01
C THR A 66 9.22 4.69 -8.82
N GLY A 67 8.43 4.09 -7.92
CA GLY A 67 8.95 3.11 -6.98
C GLY A 67 9.24 3.66 -5.58
N PHE A 68 8.91 4.92 -5.31
CA PHE A 68 9.07 5.46 -3.97
C PHE A 68 8.03 4.87 -3.03
N LYS A 69 8.40 4.67 -1.76
CA LYS A 69 7.50 4.05 -0.81
C LYS A 69 7.23 5.00 0.35
N LYS A 70 7.95 6.13 0.38
CA LYS A 70 7.74 7.10 1.45
C LYS A 70 8.07 8.49 0.89
N LEU A 71 7.35 9.51 1.40
CA LEU A 71 7.48 10.90 1.01
C LEU A 71 7.60 11.72 2.29
N ILE A 72 8.76 12.37 2.44
CA ILE A 72 9.04 13.20 3.59
C ILE A 72 8.88 14.64 3.13
N LEU A 73 7.90 15.33 3.71
CA LEU A 73 7.50 16.65 3.23
C LEU A 73 8.11 17.72 4.14
N VAL A 74 8.83 18.68 3.56
CA VAL A 74 9.22 19.86 4.33
C VAL A 74 7.99 20.70 4.61
N VAL A 75 7.62 20.83 5.91
CA VAL A 75 6.49 21.69 6.23
C VAL A 75 6.93 22.99 6.90
N LYS A 76 8.19 23.07 7.35
CA LYS A 76 8.78 24.34 7.80
C LYS A 76 10.30 24.20 7.70
N HIS A 77 10.89 24.91 6.74
CA HIS A 77 12.33 24.96 6.56
C HIS A 77 12.93 25.94 7.59
N HIS A 78 14.22 26.28 7.41
CA HIS A 78 14.93 27.15 8.35
C HIS A 78 14.31 28.55 8.40
N ASP A 79 13.69 28.97 7.29
CA ASP A 79 13.16 30.32 7.14
C ASP A 79 11.94 30.49 8.05
N GLY A 80 11.35 29.37 8.47
CA GLY A 80 10.34 29.34 9.52
C GLY A 80 8.91 29.53 8.99
N PHE A 81 8.75 29.63 7.66
CA PHE A 81 7.43 29.78 7.07
C PHE A 81 6.73 28.41 7.09
N VAL A 82 5.49 28.39 7.58
CA VAL A 82 4.83 27.12 7.87
C VAL A 82 3.86 26.79 6.76
N LEU A 83 3.93 25.56 6.23
CA LEU A 83 3.23 25.28 4.98
C LEU A 83 1.84 24.69 5.22
N TYR A 84 1.39 24.76 6.48
CA TYR A 84 0.00 24.48 6.84
C TYR A 84 -0.50 25.59 7.77
N PRO A 85 -1.83 25.80 7.89
CA PRO A 85 -2.40 26.83 8.77
C PRO A 85 -2.32 26.49 10.28
N THR A 86 -1.11 26.47 10.79
CA THR A 86 -0.87 26.30 12.21
C THR A 86 -1.54 27.43 12.99
N ALA A 87 -1.94 27.07 14.21
CA ALA A 87 -2.55 27.98 15.17
C ALA A 87 -1.49 28.81 15.88
N HIS A 88 -0.21 28.51 15.63
CA HIS A 88 0.80 28.94 16.58
C HIS A 88 1.69 30.05 16.02
N THR A 89 1.49 30.41 14.74
CA THR A 89 2.20 31.55 14.20
C THR A 89 1.38 32.10 13.05
N ASP A 90 1.59 33.37 12.71
CA ASP A 90 0.88 33.94 11.58
C ASP A 90 1.78 33.92 10.35
N TYR A 91 3.06 33.56 10.56
CA TYR A 91 3.95 33.34 9.43
C TYR A 91 3.69 31.96 8.81
N SER A 92 2.61 31.85 8.00
CA SER A 92 2.18 30.61 7.37
C SER A 92 1.41 30.88 6.06
N VAL A 93 1.04 29.80 5.38
CA VAL A 93 0.28 29.85 4.14
C VAL A 93 -1.04 30.62 4.36
N LYS A 94 -1.46 30.77 5.62
CA LYS A 94 -2.69 31.44 6.00
C LYS A 94 -2.70 32.90 5.52
N VAL A 95 -1.54 33.55 5.48
CA VAL A 95 -1.48 34.96 5.13
C VAL A 95 -0.97 35.13 3.71
N SER A 96 -0.84 34.02 2.98
CA SER A 96 -0.38 34.07 1.60
C SER A 96 -1.60 34.02 0.69
N PRO A 97 -1.48 34.44 -0.59
CA PRO A 97 -2.58 34.36 -1.56
C PRO A 97 -2.98 32.93 -1.96
N TRP A 98 -2.11 31.97 -1.66
CA TRP A 98 -2.28 30.63 -2.21
C TRP A 98 -3.60 30.02 -1.73
N ARG A 99 -4.36 29.52 -2.71
CA ARG A 99 -5.66 28.90 -2.46
C ARG A 99 -6.56 29.89 -1.71
N ARG A 100 -6.47 31.16 -2.14
CA ARG A 100 -7.26 32.24 -1.56
C ARG A 100 -7.08 32.32 -0.04
N GLY A 101 -5.90 31.90 0.46
CA GLY A 101 -5.58 32.00 1.87
C GLY A 101 -6.03 30.80 2.70
N LYS A 102 -6.67 29.81 2.06
CA LYS A 102 -7.27 28.70 2.78
C LYS A 102 -6.48 27.42 2.49
N GLY A 103 -5.25 27.58 2.00
CA GLY A 103 -4.42 26.48 1.54
C GLY A 103 -3.79 25.67 2.67
N ASP A 104 -3.62 24.37 2.40
CA ASP A 104 -2.93 23.50 3.34
C ASP A 104 -2.18 22.42 2.54
N LEU A 105 -0.86 22.57 2.44
CA LEU A 105 -0.02 21.65 1.67
C LEU A 105 0.07 20.30 2.35
N LEU A 106 0.08 20.27 3.69
CA LEU A 106 0.21 19.01 4.40
C LEU A 106 -1.09 18.22 4.20
N LEU A 107 -2.21 18.96 4.16
CA LEU A 107 -3.48 18.31 3.87
C LEU A 107 -3.45 17.81 2.42
N GLU A 108 -3.07 18.70 1.49
CA GLU A 108 -3.11 18.35 0.08
C GLU A 108 -2.27 17.09 -0.18
N VAL A 109 -1.07 17.05 0.41
CA VAL A 109 -0.17 15.92 0.19
C VAL A 109 -0.73 14.68 0.86
N SER A 110 -1.21 14.83 2.10
CA SER A 110 -1.66 13.70 2.89
C SER A 110 -2.85 13.01 2.23
N GLN A 111 -3.73 13.80 1.65
CA GLN A 111 -4.89 13.22 0.97
C GLN A 111 -4.41 12.35 -0.20
N ALA A 112 -3.50 12.90 -1.02
CA ALA A 112 -2.90 12.18 -2.13
C ALA A 112 -2.20 10.93 -1.61
N ALA A 113 -1.46 11.06 -0.50
CA ALA A 113 -0.64 9.97 -0.01
C ALA A 113 -1.57 8.86 0.45
N THR A 114 -2.68 9.27 1.08
CA THR A 114 -3.69 8.33 1.54
C THR A 114 -4.24 7.51 0.37
N GLU A 115 -4.61 8.19 -0.72
CA GLU A 115 -5.20 7.49 -1.86
C GLU A 115 -4.21 6.49 -2.45
N PHE A 116 -2.93 6.86 -2.49
CA PHE A 116 -1.93 6.00 -3.11
C PHE A 116 -1.24 5.06 -2.13
N ASP A 117 -1.62 5.10 -0.84
CA ASP A 117 -0.92 4.30 0.16
C ASP A 117 0.59 4.58 0.08
N MET A 118 0.94 5.87 0.10
CA MET A 118 2.32 6.34 0.15
C MET A 118 2.63 6.72 1.59
N ASP A 119 3.65 6.11 2.22
CA ASP A 119 3.95 6.50 3.58
C ASP A 119 4.42 7.95 3.58
N MET A 120 4.31 8.57 4.75
CA MET A 120 4.52 10.01 4.91
C MET A 120 5.56 10.23 6.00
N GLY A 121 6.47 11.17 5.74
CA GLY A 121 7.29 11.73 6.78
C GLY A 121 7.15 13.24 6.80
N VAL A 122 7.59 13.85 7.90
CA VAL A 122 7.45 15.29 8.02
C VAL A 122 8.76 15.88 8.56
N TYR A 123 9.20 16.95 7.88
CA TYR A 123 10.38 17.72 8.25
C TYR A 123 9.90 19.05 8.82
N LEU A 124 10.17 19.26 10.12
CA LEU A 124 9.94 20.51 10.85
C LEU A 124 11.29 21.01 11.37
N SER A 125 11.79 22.14 10.82
CA SER A 125 13.13 22.61 11.13
C SER A 125 13.27 23.00 12.60
N PRO A 126 14.19 22.37 13.38
CA PRO A 126 14.49 22.88 14.73
C PRO A 126 14.98 24.33 14.69
N TRP A 127 16.01 24.60 13.88
CA TRP A 127 16.46 25.98 13.69
C TRP A 127 15.37 26.78 13.00
N ASP A 128 15.01 27.93 13.59
CA ASP A 128 13.92 28.74 13.06
C ASP A 128 14.37 30.20 12.94
N ALA A 129 14.61 30.64 11.69
CA ALA A 129 15.20 31.94 11.43
C ALA A 129 14.17 33.06 11.49
N HIS A 130 12.87 32.73 11.57
CA HIS A 130 11.79 33.70 11.62
C HIS A 130 11.30 33.95 13.05
N SER A 131 10.93 32.90 13.77
CA SER A 131 10.27 33.05 15.07
C SER A 131 11.06 33.97 15.99
N PRO A 132 10.47 35.03 16.57
CA PRO A 132 11.15 35.77 17.64
C PRO A 132 11.30 34.94 18.92
N LEU A 133 10.70 33.75 18.97
CA LEU A 133 10.89 32.90 20.13
C LEU A 133 12.23 32.17 20.04
N TYR A 134 12.87 32.23 18.85
CA TYR A 134 14.10 31.47 18.62
C TYR A 134 15.30 32.24 19.17
N HIS A 135 15.53 32.08 20.48
CA HIS A 135 16.41 32.98 21.21
C HIS A 135 16.73 32.32 22.55
N VAL A 136 17.95 32.50 23.03
CA VAL A 136 18.40 31.85 24.26
C VAL A 136 17.50 32.25 25.44
N ASP A 137 16.91 33.45 25.40
CA ASP A 137 16.09 33.90 26.54
C ASP A 137 14.60 33.60 26.34
N ARG A 138 14.25 32.84 25.28
CA ARG A 138 12.87 32.38 25.10
C ARG A 138 12.88 30.85 24.85
N GLU A 139 13.94 30.19 25.31
CA GLU A 139 14.18 28.79 24.99
C GLU A 139 12.97 27.92 25.33
N ALA A 140 12.41 28.04 26.55
CA ALA A 140 11.23 27.25 26.89
C ALA A 140 10.08 27.56 25.92
N ASP A 141 9.97 28.82 25.50
CA ASP A 141 8.88 29.26 24.65
C ASP A 141 9.04 28.65 23.24
N TYR A 142 10.27 28.60 22.70
CA TYR A 142 10.47 28.05 21.36
C TYR A 142 10.17 26.55 21.36
N ASN A 143 10.63 25.87 22.41
CA ASN A 143 10.45 24.44 22.58
C ASN A 143 8.96 24.10 22.66
N ALA A 144 8.19 24.97 23.33
CA ALA A 144 6.76 24.76 23.48
C ALA A 144 6.10 25.03 22.14
N TYR A 145 6.64 25.97 21.36
CA TYR A 145 6.11 26.25 20.03
C TYR A 145 6.37 25.04 19.13
N TYR A 146 7.59 24.51 19.19
CA TYR A 146 7.97 23.35 18.40
C TYR A 146 7.07 22.15 18.72
N LEU A 147 6.94 21.84 20.01
CA LEU A 147 6.12 20.75 20.52
C LEU A 147 4.65 20.93 20.14
N ALA A 148 4.18 22.18 20.13
CA ALA A 148 2.82 22.50 19.75
C ALA A 148 2.58 22.10 18.30
N GLN A 149 3.55 22.36 17.43
CA GLN A 149 3.39 22.04 16.01
C GLN A 149 3.47 20.52 15.79
N LEU A 150 4.33 19.83 16.56
CA LEU A 150 4.43 18.37 16.46
C LEU A 150 3.07 17.75 16.76
N LYS A 151 2.39 18.29 17.78
CA LYS A 151 1.05 17.89 18.17
C LYS A 151 0.03 18.19 17.07
N GLU A 152 0.04 19.40 16.50
CA GLU A 152 -0.81 19.75 15.37
C GLU A 152 -0.63 18.77 14.22
N ILE A 153 0.63 18.46 13.89
CA ILE A 153 0.92 17.61 12.75
C ILE A 153 0.56 16.15 13.08
N LEU A 154 0.92 15.66 14.27
CA LEU A 154 0.97 14.21 14.45
C LEU A 154 -0.33 13.63 15.01
N SER A 155 -1.30 14.49 15.38
CA SER A 155 -2.54 14.06 16.01
C SER A 155 -3.73 14.29 15.08
N ASN A 156 -3.49 14.93 13.93
CA ASN A 156 -4.59 15.31 13.07
C ASN A 156 -4.82 14.18 12.07
N PRO A 157 -5.98 13.47 12.10
CA PRO A 157 -6.16 12.30 11.24
C PRO A 157 -6.25 12.69 9.76
N ASN A 158 -6.28 13.99 9.48
CA ASN A 158 -6.24 14.44 8.10
C ASN A 158 -4.81 14.52 7.57
N TYR A 159 -3.84 14.33 8.47
CA TYR A 159 -2.45 14.43 8.08
C TYR A 159 -1.80 13.05 8.13
N GLY A 160 -0.93 12.76 7.17
CA GLY A 160 -0.29 11.46 7.17
C GLY A 160 -0.92 10.58 6.11
N ASN A 161 -0.49 9.32 6.07
CA ASN A 161 -1.09 8.32 5.22
C ASN A 161 -2.17 7.69 6.10
N ALA A 162 -3.43 8.09 5.86
CA ALA A 162 -4.55 7.70 6.72
C ALA A 162 -4.22 8.00 8.19
N GLY A 163 -3.69 9.20 8.45
CA GLY A 163 -3.47 9.66 9.82
C GLY A 163 -2.15 9.17 10.41
N LYS A 164 -1.33 8.46 9.62
CA LYS A 164 -0.14 7.82 10.17
C LYS A 164 1.12 8.44 9.57
N PHE A 165 2.12 8.69 10.42
CA PHE A 165 3.42 9.14 9.93
C PHE A 165 4.46 8.04 10.14
N ALA A 166 5.39 7.90 9.17
CA ALA A 166 6.40 6.83 9.24
C ALA A 166 7.78 7.37 9.64
N GLU A 167 7.95 8.70 9.62
CA GLU A 167 9.22 9.34 9.92
C GLU A 167 9.00 10.82 10.26
N VAL A 168 9.74 11.31 11.26
CA VAL A 168 9.81 12.72 11.61
C VAL A 168 11.27 13.12 11.36
N TRP A 169 11.52 14.25 10.67
CA TRP A 169 12.88 14.65 10.37
C TRP A 169 13.22 15.89 11.19
N MET A 170 14.27 15.80 12.02
CA MET A 170 14.79 16.94 12.77
C MET A 170 16.20 17.29 12.31
N ASN A 171 16.29 18.16 11.29
CA ASN A 171 17.54 18.63 10.74
C ASN A 171 18.45 19.20 11.84
N GLY A 172 19.76 18.95 11.75
CA GLY A 172 20.70 19.47 12.72
C GLY A 172 21.33 20.80 12.31
N ALA A 173 21.07 21.26 11.07
CA ALA A 173 21.73 22.44 10.52
C ALA A 173 21.34 23.72 11.27
N ARG A 174 22.31 24.61 11.48
CA ARG A 174 22.03 25.91 12.04
C ARG A 174 23.08 26.91 11.57
N GLY A 175 22.60 28.09 11.15
CA GLY A 175 23.43 29.17 10.62
C GLY A 175 24.45 29.68 11.63
N GLU A 176 25.52 30.27 11.08
CA GLU A 176 26.67 30.71 11.87
C GLU A 176 26.21 31.71 12.93
N GLY A 177 25.40 32.70 12.52
CA GLY A 177 25.04 33.81 13.39
C GLY A 177 24.06 33.46 14.51
N ALA A 178 23.30 32.36 14.34
CA ALA A 178 22.05 32.05 15.02
C ALA A 178 22.20 31.88 16.54
N GLN A 179 21.09 32.12 17.25
CA GLN A 179 21.00 31.96 18.68
C GLN A 179 21.20 30.49 19.05
N LYS A 180 21.83 30.25 20.20
CA LYS A 180 22.23 28.90 20.58
C LYS A 180 21.11 28.27 21.42
N VAL A 181 19.95 28.08 20.78
CA VAL A 181 18.80 27.44 21.41
C VAL A 181 19.06 25.94 21.54
N ASN A 182 18.79 25.38 22.73
CA ASN A 182 18.86 23.94 22.98
C ASN A 182 17.45 23.37 22.96
N TYR A 183 17.30 22.13 22.48
CA TYR A 183 16.00 21.57 22.22
C TYR A 183 15.64 20.55 23.29
N GLU A 184 14.35 20.41 23.57
CA GLU A 184 13.84 19.51 24.58
C GLU A 184 13.57 18.14 23.94
N PHE A 185 14.65 17.48 23.52
CA PHE A 185 14.60 16.29 22.69
C PHE A 185 13.70 15.21 23.27
N GLU A 186 13.90 14.89 24.56
CA GLU A 186 13.19 13.76 25.14
C GLU A 186 11.69 14.02 25.08
N LYS A 187 11.28 15.26 25.39
CA LYS A 187 9.88 15.63 25.39
C LYS A 187 9.33 15.51 23.97
N TRP A 188 10.11 15.94 22.96
CA TRP A 188 9.63 15.80 21.60
C TRP A 188 9.41 14.32 21.30
N PHE A 189 10.37 13.47 21.72
CA PHE A 189 10.39 12.06 21.33
C PHE A 189 9.20 11.34 21.97
N GLU A 190 8.93 11.67 23.24
CA GLU A 190 7.78 11.15 23.96
C GLU A 190 6.46 11.54 23.28
N THR A 191 6.34 12.79 22.78
CA THR A 191 5.11 13.19 22.10
C THR A 191 4.92 12.36 20.83
N ILE A 192 6.04 12.12 20.11
CA ILE A 192 6.04 11.34 18.87
C ILE A 192 5.61 9.90 19.16
N ARG A 193 6.05 9.34 20.28
CA ARG A 193 5.68 7.97 20.60
C ARG A 193 4.22 7.92 21.02
N ASP A 194 3.75 9.00 21.65
N ASP A 194 3.74 8.97 21.70
CA ASP A 194 2.39 9.12 22.14
CA ASP A 194 2.35 9.05 22.11
C ASP A 194 1.43 9.24 20.96
C ASP A 194 1.47 9.09 20.86
N LEU A 195 1.86 9.93 19.89
CA LEU A 195 0.96 10.21 18.77
C LEU A 195 1.11 9.21 17.64
N GLN A 196 2.27 8.55 17.52
CA GLN A 196 2.59 7.86 16.29
C GLN A 196 3.34 6.54 16.55
N GLY A 197 3.37 6.10 17.82
CA GLY A 197 3.97 4.83 18.19
C GLY A 197 5.46 4.83 17.87
N ASP A 198 5.91 3.80 17.15
CA ASP A 198 7.33 3.66 16.85
C ASP A 198 7.68 4.26 15.47
N CYS A 199 6.97 5.32 15.06
CA CYS A 199 7.44 6.25 14.02
C CYS A 199 8.96 6.42 14.10
N LEU A 200 9.63 6.39 12.93
CA LEU A 200 11.08 6.56 12.86
C LEU A 200 11.41 8.05 13.04
N ILE A 201 12.52 8.34 13.71
CA ILE A 201 12.92 9.73 13.96
C ILE A 201 14.36 9.94 13.49
N PHE A 202 14.53 10.80 12.50
CA PHE A 202 15.85 11.27 12.11
C PHE A 202 16.16 12.50 12.96
N SER A 203 17.26 12.46 13.71
CA SER A 203 17.73 13.57 14.54
C SER A 203 19.23 13.39 14.80
N THR A 204 19.87 14.37 15.46
CA THR A 204 21.27 14.29 15.82
C THR A 204 21.46 13.43 17.07
N GLU A 205 20.36 13.04 17.72
CA GLU A 205 20.47 12.29 18.96
C GLU A 205 20.36 10.80 18.65
N GLY A 206 20.27 9.97 19.69
CA GLY A 206 20.35 8.53 19.55
C GLY A 206 18.99 7.92 19.19
N THR A 207 18.42 8.38 18.07
CA THR A 207 17.11 7.92 17.66
C THR A 207 17.27 6.74 16.69
N SER A 208 16.19 6.43 15.96
CA SER A 208 16.16 5.23 15.11
C SER A 208 16.82 5.47 13.77
N ILE A 209 16.95 6.75 13.36
CA ILE A 209 17.63 7.11 12.14
C ILE A 209 18.70 8.15 12.46
N ARG A 210 19.86 8.04 11.81
CA ARG A 210 20.92 9.03 11.88
C ARG A 210 21.26 9.52 10.49
N TRP A 211 21.94 10.67 10.45
CA TRP A 211 22.54 11.20 9.24
C TRP A 211 23.77 10.37 8.89
N ILE A 212 23.97 10.15 7.60
CA ILE A 212 25.08 9.32 7.15
C ILE A 212 26.35 10.19 7.13
N GLY A 213 26.21 11.51 7.29
CA GLY A 213 27.36 12.38 7.48
C GLY A 213 27.81 13.08 6.20
N ASN A 214 27.03 12.95 5.14
CA ASN A 214 27.29 13.65 3.89
C ASN A 214 25.97 13.82 3.15
N GLN A 215 26.00 14.58 2.05
CA GLN A 215 24.80 14.81 1.25
C GLN A 215 25.03 14.33 -0.18
N ARG A 216 25.85 13.30 -0.36
CA ARG A 216 26.10 12.81 -1.70
C ARG A 216 25.37 11.49 -1.87
N GLY A 217 24.72 11.02 -0.80
CA GLY A 217 24.03 9.74 -0.86
C GLY A 217 25.01 8.57 -0.74
N TYR A 218 26.09 8.78 0.02
CA TYR A 218 27.19 7.85 0.12
C TYR A 218 27.22 7.22 1.52
N ALA A 219 26.88 5.92 1.61
CA ALA A 219 27.08 5.18 2.83
C ALA A 219 28.50 4.60 2.81
N GLY A 220 29.08 4.43 4.01
CA GLY A 220 30.43 3.91 4.06
C GLY A 220 30.43 2.40 3.88
N ASP A 221 31.62 1.85 3.67
CA ASP A 221 31.83 0.42 3.79
C ASP A 221 33.04 0.22 4.69
N PRO A 222 32.91 -0.36 5.90
CA PRO A 222 31.66 -0.96 6.38
C PRO A 222 30.54 0.06 6.65
N LEU A 223 29.29 -0.41 6.56
CA LEU A 223 28.16 0.28 7.16
C LEU A 223 27.56 -0.59 8.27
N TRP A 224 27.97 -0.29 9.51
CA TRP A 224 27.26 -0.86 10.65
C TRP A 224 25.99 -0.05 10.92
N GLN A 225 24.85 -0.73 10.88
CA GLN A 225 23.60 -0.04 11.15
C GLN A 225 23.36 -0.04 12.67
N LYS A 226 24.31 0.55 13.42
CA LYS A 226 24.25 0.62 14.88
C LYS A 226 25.27 1.65 15.37
N VAL A 227 25.00 2.28 16.53
CA VAL A 227 25.88 3.31 17.05
C VAL A 227 25.80 3.27 18.57
N ASN A 228 26.78 3.93 19.19
CA ASN A 228 26.81 4.24 20.59
C ASN A 228 26.17 5.63 20.72
N PRO A 229 25.06 5.80 21.48
CA PRO A 229 24.41 7.10 21.56
C PRO A 229 25.38 8.14 22.11
N ASP A 230 26.35 7.68 22.91
CA ASP A 230 27.40 8.52 23.49
C ASP A 230 28.22 9.22 22.40
N LYS A 231 28.25 8.67 21.19
CA LYS A 231 29.12 9.26 20.18
C LYS A 231 28.33 10.07 19.14
N LEU A 232 27.07 10.38 19.49
CA LEU A 232 26.22 11.17 18.58
C LEU A 232 26.15 12.62 19.07
N GLY A 233 25.04 13.31 18.79
CA GLY A 233 24.93 14.74 19.05
C GLY A 233 25.36 15.55 17.84
N THR A 234 25.34 16.89 17.97
CA THR A 234 25.66 17.81 16.90
C THR A 234 27.12 17.76 16.46
N GLU A 235 27.96 17.21 17.36
N GLU A 235 28.04 17.32 17.35
CA GLU A 235 29.41 17.14 17.19
CA GLU A 235 29.43 17.15 16.94
C GLU A 235 29.84 15.78 16.60
C GLU A 235 29.82 15.66 16.96
N ALA A 236 28.90 14.85 16.45
CA ALA A 236 29.22 13.49 16.00
C ALA A 236 30.22 13.56 14.86
N GLU A 237 31.21 12.65 14.88
CA GLU A 237 32.18 12.58 13.80
C GLU A 237 31.47 12.22 12.49
N LEU A 238 31.77 12.91 11.40
CA LEU A 238 31.16 12.60 10.12
C LEU A 238 31.48 11.16 9.67
N ASN A 239 32.71 10.69 9.95
CA ASN A 239 33.11 9.37 9.48
C ASN A 239 32.47 8.31 10.37
N TYR A 240 32.24 8.65 11.64
CA TYR A 240 31.55 7.74 12.54
C TYR A 240 30.11 7.56 12.09
N LEU A 241 29.46 8.67 11.67
CA LEU A 241 28.12 8.62 11.11
C LEU A 241 28.10 7.71 9.87
N GLN A 242 29.17 7.81 9.06
CA GLN A 242 29.18 7.31 7.70
C GLN A 242 29.34 5.79 7.74
N HIS A 243 29.93 5.29 8.84
CA HIS A 243 30.32 3.91 8.98
C HIS A 243 29.55 3.24 10.10
N GLY A 244 29.00 4.05 10.99
CA GLY A 244 28.46 3.50 12.22
C GLY A 244 29.56 2.85 13.02
N ASP A 245 29.17 2.03 14.00
CA ASP A 245 30.08 1.55 15.05
C ASP A 245 30.02 0.03 15.12
N PRO A 246 31.14 -0.72 14.93
CA PRO A 246 31.08 -2.18 15.00
C PRO A 246 30.65 -2.66 16.38
N SER A 247 30.72 -1.77 17.38
CA SER A 247 30.34 -2.07 18.75
C SER A 247 29.04 -1.35 19.16
N GLY A 248 28.29 -0.82 18.18
CA GLY A 248 27.17 0.05 18.49
C GLY A 248 26.17 -0.70 19.37
N THR A 249 25.43 0.03 20.20
CA THR A 249 24.55 -0.58 21.20
C THR A 249 23.07 -0.34 20.88
N ILE A 250 22.78 0.46 19.84
CA ILE A 250 21.40 0.60 19.43
C ILE A 250 21.39 0.42 17.91
N PHE A 251 20.31 -0.20 17.36
CA PHE A 251 20.17 -0.30 15.91
C PHE A 251 19.87 1.09 15.35
N SER A 252 20.64 1.50 14.35
CA SER A 252 20.47 2.84 13.82
C SER A 252 20.61 2.80 12.30
N ILE A 253 19.63 3.34 11.57
CA ILE A 253 19.70 3.41 10.12
C ILE A 253 20.46 4.67 9.67
N GLY A 254 21.57 4.48 8.95
CA GLY A 254 22.28 5.60 8.36
C GLY A 254 21.64 6.03 7.04
N GLU A 255 20.67 6.93 7.10
CA GLU A 255 19.84 7.25 5.94
C GLU A 255 20.64 8.04 4.92
N ALA A 256 20.52 7.69 3.63
CA ALA A 256 21.32 8.39 2.63
C ALA A 256 20.48 9.44 1.91
N ASP A 257 20.55 10.67 2.39
CA ASP A 257 19.78 11.77 1.79
C ASP A 257 20.58 12.48 0.70
N VAL A 258 19.91 12.80 -0.43
CA VAL A 258 20.59 13.45 -1.55
C VAL A 258 19.53 14.02 -2.46
N SER A 259 19.88 15.13 -3.09
CA SER A 259 19.00 15.83 -4.00
C SER A 259 19.28 15.38 -5.43
N ILE A 260 18.23 15.27 -6.23
CA ILE A 260 18.34 14.96 -7.65
C ILE A 260 18.98 16.15 -8.38
N ARG A 261 19.10 17.30 -7.69
CA ARG A 261 19.71 18.50 -8.25
C ARG A 261 20.81 18.99 -7.32
N PRO A 262 21.68 19.95 -7.75
CA PRO A 262 22.71 20.50 -6.86
C PRO A 262 22.12 21.10 -5.59
N GLY A 263 20.99 21.81 -5.74
CA GLY A 263 20.30 22.38 -4.59
C GLY A 263 19.17 21.47 -4.09
N TRP A 264 18.80 21.65 -2.80
CA TRP A 264 17.63 21.00 -2.23
C TRP A 264 16.35 21.60 -2.77
N PHE A 265 16.37 22.91 -3.07
CA PHE A 265 15.22 23.59 -3.63
C PHE A 265 15.35 23.67 -5.15
N TYR A 266 14.25 23.98 -5.84
CA TYR A 266 14.30 24.06 -7.29
C TYR A 266 14.91 25.38 -7.71
N HIS A 267 15.88 25.32 -8.64
CA HIS A 267 16.39 26.49 -9.32
C HIS A 267 16.39 26.26 -10.83
N GLU A 268 15.90 27.23 -11.60
CA GLU A 268 15.61 27.13 -13.02
C GLU A 268 16.87 26.73 -13.79
N ASP A 269 18.01 27.27 -13.37
CA ASP A 269 19.29 27.11 -14.06
C ASP A 269 19.91 25.74 -13.79
N GLN A 270 19.27 24.88 -12.98
CA GLN A 270 19.87 23.60 -12.65
C GLN A 270 19.17 22.45 -13.37
N ASP A 271 19.93 21.40 -13.67
CA ASP A 271 19.41 20.18 -14.28
C ASP A 271 19.48 19.04 -13.27
N PRO A 272 18.59 18.02 -13.37
CA PRO A 272 18.70 16.84 -12.51
C PRO A 272 19.96 16.03 -12.84
N LYS A 273 20.42 15.24 -11.86
CA LYS A 273 21.49 14.27 -12.05
C LYS A 273 21.13 13.28 -13.17
N SER A 274 22.16 12.72 -13.82
CA SER A 274 21.99 11.78 -14.93
C SER A 274 21.52 10.43 -14.37
N LEU A 275 20.98 9.57 -15.25
CA LEU A 275 20.72 8.20 -14.83
C LEU A 275 21.99 7.57 -14.25
N GLU A 276 23.12 7.69 -14.96
CA GLU A 276 24.39 7.11 -14.57
C GLU A 276 24.74 7.52 -13.14
N GLU A 277 24.55 8.81 -12.82
CA GLU A 277 24.82 9.33 -11.49
C GLU A 277 23.89 8.72 -10.44
N LEU A 278 22.60 8.63 -10.76
CA LEU A 278 21.61 8.12 -9.81
C LEU A 278 21.92 6.65 -9.52
N VAL A 279 22.37 5.96 -10.57
CA VAL A 279 22.76 4.56 -10.47
C VAL A 279 23.93 4.43 -9.51
N GLU A 280 24.95 5.29 -9.65
CA GLU A 280 26.10 5.24 -8.74
C GLU A 280 25.60 5.39 -7.30
N ILE A 281 24.79 6.43 -7.05
CA ILE A 281 24.24 6.69 -5.73
C ILE A 281 23.50 5.44 -5.21
N TYR A 282 22.69 4.83 -6.08
CA TYR A 282 21.86 3.70 -5.68
C TYR A 282 22.75 2.59 -5.15
N PHE A 283 23.84 2.33 -5.89
CA PHE A 283 24.77 1.30 -5.50
C PHE A 283 25.46 1.63 -4.18
N HIS A 284 25.64 2.92 -3.88
CA HIS A 284 26.33 3.26 -2.63
C HIS A 284 25.36 3.63 -1.49
N SER A 285 24.08 3.28 -1.63
CA SER A 285 23.14 3.49 -0.56
C SER A 285 22.32 2.21 -0.34
N VAL A 286 21.31 2.00 -1.20
CA VAL A 286 20.52 0.78 -1.12
C VAL A 286 21.45 -0.41 -1.29
N GLY A 287 22.50 -0.22 -2.10
CA GLY A 287 23.47 -1.25 -2.39
C GLY A 287 24.45 -1.50 -1.25
N ARG A 288 24.38 -0.68 -0.18
CA ARG A 288 25.18 -0.87 1.03
C ARG A 288 24.28 -1.10 2.23
N GLY A 289 23.00 -1.41 1.95
CA GLY A 289 22.10 -1.85 3.00
C GLY A 289 21.42 -0.68 3.72
N THR A 290 21.31 0.46 3.04
CA THR A 290 20.63 1.58 3.67
C THR A 290 19.72 2.27 2.67
N PRO A 291 18.61 2.90 3.11
CA PRO A 291 17.66 3.53 2.20
C PRO A 291 18.19 4.82 1.57
N LEU A 292 17.81 5.00 0.30
CA LEU A 292 18.06 6.21 -0.43
C LEU A 292 16.86 7.12 -0.23
N LEU A 293 17.14 8.37 0.18
CA LEU A 293 16.13 9.42 0.33
C LEU A 293 16.48 10.52 -0.66
N LEU A 294 15.82 10.46 -1.82
CA LEU A 294 16.12 11.34 -2.94
C LEU A 294 15.18 12.54 -2.89
N ASN A 295 15.74 13.75 -2.84
CA ASN A 295 14.93 14.96 -2.86
C ASN A 295 14.66 15.36 -4.31
N ILE A 296 13.38 15.62 -4.61
CA ILE A 296 12.91 16.15 -5.89
C ILE A 296 12.17 17.46 -5.60
N PRO A 297 12.75 18.64 -5.93
CA PRO A 297 12.16 19.92 -5.52
C PRO A 297 11.16 20.44 -6.56
N PRO A 298 9.87 20.61 -6.20
CA PRO A 298 8.89 21.23 -7.09
C PRO A 298 9.28 22.66 -7.44
N ASN A 299 8.85 23.12 -8.62
CA ASN A 299 9.18 24.46 -9.12
C ASN A 299 8.17 25.50 -8.60
N GLN A 300 8.32 26.72 -9.14
CA GLN A 300 7.52 27.89 -8.77
C GLN A 300 6.05 27.66 -9.04
N ALA A 301 5.71 26.80 -10.01
CA ALA A 301 4.33 26.49 -10.34
C ALA A 301 3.77 25.47 -9.36
N GLY A 302 4.63 24.85 -8.55
CA GLY A 302 4.28 23.75 -7.65
C GLY A 302 4.29 22.40 -8.36
N LEU A 303 5.07 22.27 -9.44
CA LEU A 303 5.09 20.99 -10.15
C LEU A 303 6.51 20.44 -10.19
N PHE A 304 6.63 19.11 -10.28
CA PHE A 304 7.91 18.48 -10.59
C PHE A 304 8.26 18.92 -12.01
N ASP A 305 9.53 19.33 -12.21
CA ASP A 305 10.12 19.66 -13.50
C ASP A 305 10.05 18.44 -14.43
N ALA A 306 9.79 18.68 -15.73
CA ALA A 306 9.55 17.58 -16.67
C ALA A 306 10.77 16.67 -16.79
N LYS A 307 11.98 17.27 -16.83
CA LYS A 307 13.22 16.52 -16.90
C LYS A 307 13.31 15.58 -15.70
N ASP A 308 12.97 16.09 -14.51
CA ASP A 308 13.06 15.33 -13.28
C ASP A 308 12.13 14.11 -13.35
N ILE A 309 10.90 14.34 -13.84
CA ILE A 309 9.91 13.28 -13.85
C ILE A 309 10.43 12.14 -14.74
N GLU A 310 10.89 12.52 -15.93
CA GLU A 310 11.44 11.64 -16.94
C GLU A 310 12.59 10.81 -16.33
N ARG A 311 13.51 11.52 -15.64
CA ARG A 311 14.65 10.90 -14.98
C ARG A 311 14.18 9.85 -13.97
N LEU A 312 13.07 10.16 -13.26
CA LEU A 312 12.56 9.27 -12.24
C LEU A 312 12.04 8.00 -12.90
N TYR A 313 11.46 8.14 -14.11
CA TYR A 313 11.01 6.97 -14.87
C TYR A 313 12.17 6.13 -15.34
N GLU A 314 13.20 6.78 -15.88
CA GLU A 314 14.40 6.10 -16.36
C GLU A 314 15.02 5.28 -15.23
N PHE A 315 15.11 5.90 -14.04
CA PHE A 315 15.66 5.27 -12.84
C PHE A 315 14.84 4.03 -12.47
N ALA A 316 13.52 4.14 -12.58
CA ALA A 316 12.67 3.03 -12.21
C ALA A 316 12.88 1.86 -13.18
N THR A 317 12.94 2.19 -14.47
CA THR A 317 13.15 1.24 -15.54
C THR A 317 14.47 0.51 -15.32
N TYR A 318 15.54 1.30 -15.18
CA TYR A 318 16.84 0.76 -14.80
C TYR A 318 16.69 -0.34 -13.73
N ARG A 319 16.15 0.00 -12.55
CA ARG A 319 16.10 -0.96 -11.47
C ARG A 319 15.26 -2.17 -11.88
N ASN A 320 14.15 -1.95 -12.60
CA ASN A 320 13.24 -3.03 -12.92
C ASN A 320 13.94 -4.05 -13.79
N GLU A 321 14.69 -3.56 -14.78
CA GLU A 321 15.52 -4.36 -15.66
C GLU A 321 16.60 -5.09 -14.87
N LEU A 322 17.21 -4.39 -13.90
CA LEU A 322 18.29 -4.97 -13.11
C LEU A 322 17.79 -6.23 -12.40
N TYR A 323 16.63 -6.13 -11.77
CA TYR A 323 16.22 -7.18 -10.86
C TYR A 323 15.36 -8.23 -11.56
N LYS A 324 15.18 -8.12 -12.89
CA LYS A 324 14.22 -8.90 -13.65
C LYS A 324 14.53 -10.40 -13.51
N GLU A 325 15.79 -10.78 -13.77
CA GLU A 325 16.22 -12.16 -13.62
C GLU A 325 17.40 -12.28 -12.64
N ASP A 326 17.13 -12.99 -11.54
CA ASP A 326 18.14 -13.46 -10.60
C ASP A 326 18.78 -14.71 -11.20
N LEU A 327 19.99 -14.57 -11.71
CA LEU A 327 20.67 -15.64 -12.42
C LEU A 327 21.10 -16.76 -11.48
N ALA A 328 21.02 -16.53 -10.16
CA ALA A 328 21.47 -17.52 -9.19
C ALA A 328 20.29 -18.30 -8.60
N LEU A 329 19.06 -17.84 -8.88
CA LEU A 329 17.88 -18.51 -8.36
C LEU A 329 17.96 -20.00 -8.66
N GLY A 330 17.85 -20.82 -7.61
CA GLY A 330 17.82 -22.26 -7.78
C GLY A 330 19.21 -22.89 -7.92
N ALA A 331 20.29 -22.09 -7.96
CA ALA A 331 21.62 -22.67 -8.15
C ALA A 331 22.02 -23.64 -7.02
N GLU A 332 22.86 -24.62 -7.37
CA GLU A 332 23.47 -25.49 -6.37
C GLU A 332 24.63 -24.77 -5.68
N VAL A 333 24.70 -24.93 -4.35
CA VAL A 333 25.70 -24.28 -3.52
C VAL A 333 26.33 -25.35 -2.63
N SER A 334 27.67 -25.37 -2.59
CA SER A 334 28.36 -26.22 -1.64
C SER A 334 29.20 -25.38 -0.68
N GLY A 335 29.51 -26.00 0.45
CA GLY A 335 30.24 -25.33 1.50
C GLY A 335 29.72 -25.85 2.81
N PRO A 336 30.27 -25.40 3.96
CA PRO A 336 29.83 -25.88 5.27
C PRO A 336 28.49 -25.26 5.65
N ALA A 337 27.76 -25.95 6.53
CA ALA A 337 26.45 -25.53 6.99
C ALA A 337 26.23 -26.10 8.38
N LEU A 338 25.67 -25.28 9.26
CA LEU A 338 25.50 -25.60 10.67
C LEU A 338 24.67 -26.87 10.83
N SER A 339 23.56 -26.98 10.08
CA SER A 339 22.68 -28.13 10.04
C SER A 339 21.73 -28.00 8.83
N ALA A 340 20.84 -29.00 8.66
CA ALA A 340 19.87 -29.05 7.56
C ALA A 340 18.93 -27.85 7.57
N ASP A 341 18.65 -27.35 8.77
CA ASP A 341 17.78 -26.20 8.97
C ASP A 341 18.49 -24.94 8.47
N PHE A 342 19.81 -25.02 8.31
CA PHE A 342 20.60 -23.86 7.91
C PHE A 342 21.33 -24.18 6.61
N ALA A 343 20.68 -24.95 5.73
CA ALA A 343 21.32 -25.53 4.56
C ALA A 343 21.79 -24.44 3.60
N CYS A 344 22.84 -24.76 2.83
CA CYS A 344 23.31 -23.92 1.75
C CYS A 344 22.18 -23.58 0.77
N ARG A 345 21.28 -24.56 0.56
CA ARG A 345 20.23 -24.44 -0.44
C ARG A 345 19.28 -23.27 -0.15
N HIS A 346 19.28 -22.77 1.09
CA HIS A 346 18.49 -21.62 1.50
C HIS A 346 19.07 -20.30 0.95
N LEU A 347 20.19 -20.34 0.25
CA LEU A 347 20.77 -19.12 -0.28
C LEU A 347 20.15 -18.76 -1.62
N THR A 348 19.56 -19.75 -2.31
CA THR A 348 19.02 -19.54 -3.64
C THR A 348 17.62 -20.15 -3.78
N ASP A 349 16.88 -20.30 -2.66
CA ASP A 349 15.58 -20.95 -2.68
C ASP A 349 14.43 -19.94 -2.87
N GLY A 350 14.74 -18.65 -2.98
CA GLY A 350 13.74 -17.61 -3.20
C GLY A 350 12.97 -17.18 -1.93
N LEU A 351 13.37 -17.71 -0.77
CA LEU A 351 12.73 -17.52 0.53
C LEU A 351 13.62 -16.65 1.42
N GLU A 352 13.03 -15.54 1.90
CA GLU A 352 13.71 -14.59 2.75
C GLU A 352 13.54 -15.09 4.18
N THR A 353 12.68 -16.10 4.33
CA THR A 353 12.44 -16.68 5.64
C THR A 353 13.32 -17.91 5.86
N SER A 354 14.14 -18.27 4.86
CA SER A 354 15.08 -19.38 5.04
C SER A 354 16.49 -18.81 5.03
N SER A 355 17.36 -19.37 5.88
CA SER A 355 18.72 -18.87 5.94
C SER A 355 19.77 -20.00 5.93
N TRP A 356 20.96 -19.70 5.37
CA TRP A 356 22.16 -20.49 5.56
C TRP A 356 22.92 -19.96 6.78
N ALA A 357 23.65 -20.84 7.47
CA ALA A 357 24.58 -20.44 8.52
C ALA A 357 25.66 -21.51 8.69
N SER A 358 26.84 -21.11 9.17
CA SER A 358 27.90 -22.05 9.50
C SER A 358 28.71 -21.56 10.70
N ASP A 359 29.08 -22.49 11.59
CA ASP A 359 29.96 -22.23 12.72
C ASP A 359 31.38 -22.70 12.43
N ALA A 360 31.70 -22.97 11.15
CA ALA A 360 33.04 -23.41 10.78
C ALA A 360 34.01 -22.24 10.92
N ASP A 361 35.32 -22.56 11.00
CA ASP A 361 36.35 -21.55 11.17
C ASP A 361 36.43 -20.71 9.89
N LEU A 362 36.69 -19.42 10.07
CA LEU A 362 36.82 -18.51 8.95
C LEU A 362 38.19 -18.68 8.31
N PRO A 363 38.38 -18.36 7.02
CA PRO A 363 37.30 -17.99 6.11
C PRO A 363 36.38 -19.13 5.69
N ILE A 364 35.07 -18.82 5.57
CA ILE A 364 34.05 -19.72 5.07
C ILE A 364 33.84 -19.43 3.58
N GLN A 365 33.80 -20.51 2.79
CA GLN A 365 33.60 -20.44 1.36
C GLN A 365 32.28 -21.11 0.96
N LEU A 366 31.43 -20.36 0.25
CA LEU A 366 30.25 -20.88 -0.41
C LEU A 366 30.54 -20.88 -1.92
N GLU A 367 30.38 -22.04 -2.57
CA GLU A 367 30.55 -22.08 -4.01
C GLU A 367 29.21 -22.37 -4.68
N LEU A 368 28.83 -21.47 -5.59
CA LEU A 368 27.60 -21.60 -6.35
C LEU A 368 27.93 -22.16 -7.74
N ASP A 369 27.13 -23.13 -8.20
CA ASP A 369 27.26 -23.69 -9.55
C ASP A 369 25.96 -23.39 -10.27
N LEU A 370 26.00 -22.50 -11.26
CA LEU A 370 24.78 -22.07 -11.94
C LEU A 370 24.29 -23.11 -12.94
N GLY A 371 25.02 -24.23 -13.09
CA GLY A 371 24.65 -25.26 -14.04
C GLY A 371 25.18 -24.99 -15.45
N SER A 372 25.31 -23.71 -15.82
CA SER A 372 25.84 -23.25 -17.10
C SER A 372 26.39 -21.84 -16.93
N PRO A 373 27.27 -21.36 -17.86
CA PRO A 373 27.88 -20.05 -17.72
C PRO A 373 26.80 -18.99 -17.94
N LYS A 374 26.85 -17.93 -17.14
CA LYS A 374 25.87 -16.88 -17.25
C LYS A 374 26.64 -15.57 -17.28
N THR A 375 26.00 -14.50 -17.76
CA THR A 375 26.69 -13.21 -17.80
C THR A 375 26.12 -12.29 -16.73
N PHE A 376 27.00 -11.77 -15.87
CA PHE A 376 26.50 -10.94 -14.77
C PHE A 376 27.55 -9.91 -14.37
N ASP A 377 27.10 -8.90 -13.62
CA ASP A 377 28.04 -7.91 -13.12
C ASP A 377 27.61 -7.39 -11.74
N VAL A 378 26.56 -7.99 -11.17
CA VAL A 378 26.15 -7.63 -9.83
C VAL A 378 25.91 -8.92 -9.04
N ILE A 379 26.37 -8.95 -7.78
CA ILE A 379 26.01 -9.96 -6.80
C ILE A 379 25.30 -9.29 -5.60
N GLU A 380 24.25 -9.94 -5.11
CA GLU A 380 23.49 -9.48 -3.95
C GLU A 380 23.67 -10.50 -2.82
N LEU A 381 23.86 -10.00 -1.61
CA LEU A 381 23.87 -10.85 -0.43
C LEU A 381 22.99 -10.19 0.61
N ARG A 382 22.34 -10.99 1.48
CA ARG A 382 21.54 -10.45 2.57
C ARG A 382 21.76 -11.25 3.86
N GLU A 383 21.84 -10.56 5.00
CA GLU A 383 21.92 -11.22 6.29
C GLU A 383 20.50 -11.36 6.85
N ASP A 384 20.35 -11.96 8.02
CA ASP A 384 19.07 -11.93 8.70
C ASP A 384 19.21 -10.99 9.88
N LEU A 385 18.75 -9.75 9.70
CA LEU A 385 19.04 -8.76 10.71
C LEU A 385 18.20 -9.00 11.95
N LYS A 386 17.15 -9.85 11.84
CA LYS A 386 16.38 -10.25 13.01
C LYS A 386 17.31 -10.98 13.98
N LEU A 387 18.46 -11.48 13.48
CA LEU A 387 19.44 -12.11 14.35
C LEU A 387 20.69 -11.24 14.52
N GLY A 388 20.68 -10.03 13.95
CA GLY A 388 21.76 -9.06 14.13
C GLY A 388 22.69 -9.02 12.92
N GLN A 389 23.29 -7.85 12.66
CA GLN A 389 24.35 -7.67 11.68
C GLN A 389 25.66 -8.26 12.21
N ARG A 390 26.37 -9.05 11.36
CA ARG A 390 27.52 -9.86 11.76
C ARG A 390 28.74 -9.66 10.85
N ILE A 391 28.53 -9.75 9.54
CA ILE A 391 29.65 -9.91 8.63
C ILE A 391 30.43 -8.62 8.54
N ALA A 392 31.77 -8.72 8.68
CA ALA A 392 32.70 -7.61 8.70
C ALA A 392 33.58 -7.58 7.45
N ALA A 393 33.84 -8.74 6.81
CA ALA A 393 34.62 -8.77 5.57
C ALA A 393 34.32 -10.03 4.74
N PHE A 394 34.35 -9.86 3.41
CA PHE A 394 34.07 -10.95 2.51
C PHE A 394 34.57 -10.54 1.13
N HIS A 395 34.69 -11.52 0.23
CA HIS A 395 35.00 -11.21 -1.16
C HIS A 395 34.38 -12.27 -2.06
N VAL A 396 34.43 -12.03 -3.37
CA VAL A 396 33.73 -12.89 -4.31
C VAL A 396 34.67 -13.18 -5.47
N GLN A 397 34.78 -14.47 -5.81
CA GLN A 397 35.62 -14.93 -6.90
C GLN A 397 34.74 -15.68 -7.89
N VAL A 398 35.12 -15.58 -9.16
CA VAL A 398 34.42 -16.22 -10.27
C VAL A 398 35.44 -17.02 -11.08
N GLU A 399 35.03 -18.21 -11.53
CA GLU A 399 35.92 -19.04 -12.31
C GLU A 399 35.66 -18.75 -13.78
N VAL A 400 36.68 -18.18 -14.46
CA VAL A 400 36.65 -17.81 -15.86
C VAL A 400 37.72 -18.65 -16.53
N ASP A 401 37.29 -19.46 -17.50
CA ASP A 401 38.21 -20.23 -18.33
C ASP A 401 39.10 -21.07 -17.42
N GLY A 402 38.48 -21.73 -16.44
CA GLY A 402 39.17 -22.67 -15.56
C GLY A 402 40.04 -21.97 -14.52
N VAL A 403 40.06 -20.63 -14.49
CA VAL A 403 40.90 -19.90 -13.56
C VAL A 403 40.04 -18.99 -12.66
N TRP A 404 40.18 -19.18 -11.34
CA TRP A 404 39.56 -18.35 -10.32
C TRP A 404 40.17 -16.96 -10.32
N GLN A 405 39.29 -15.96 -10.35
CA GLN A 405 39.71 -14.58 -10.39
C GLN A 405 38.79 -13.78 -9.48
N GLU A 406 39.33 -12.69 -8.94
CA GLU A 406 38.63 -11.74 -8.11
C GLU A 406 37.46 -11.10 -8.85
N PHE A 407 36.29 -11.06 -8.20
CA PHE A 407 35.14 -10.36 -8.75
C PHE A 407 34.96 -9.02 -8.03
N GLY A 408 35.06 -9.08 -6.70
CA GLY A 408 34.86 -7.93 -5.84
C GLY A 408 35.01 -8.34 -4.38
N SER A 409 35.02 -7.32 -3.52
CA SER A 409 35.10 -7.54 -2.09
C SER A 409 34.40 -6.41 -1.34
N GLY A 410 34.09 -6.65 -0.07
CA GLY A 410 33.48 -5.62 0.74
C GLY A 410 33.69 -5.97 2.22
N HIS A 411 33.13 -5.09 3.06
CA HIS A 411 33.18 -5.21 4.49
C HIS A 411 31.86 -5.76 5.01
N THR A 412 30.85 -4.88 5.18
CA THR A 412 29.57 -5.33 5.68
C THR A 412 28.70 -5.85 4.54
N VAL A 413 27.70 -6.62 4.95
CA VAL A 413 26.61 -7.03 4.08
C VAL A 413 25.37 -6.26 4.54
N GLY A 414 24.89 -6.58 5.74
CA GLY A 414 23.71 -5.93 6.27
C GLY A 414 22.39 -6.48 5.73
N TYR A 415 21.40 -5.58 5.65
CA TYR A 415 20.08 -5.97 5.21
C TYR A 415 20.18 -6.54 3.79
N LYS A 416 20.91 -5.82 2.95
CA LYS A 416 21.10 -6.18 1.56
C LYS A 416 22.38 -5.49 1.11
N ARG A 417 23.25 -6.25 0.44
CA ARG A 417 24.45 -5.70 -0.18
C ARG A 417 24.42 -6.02 -1.67
N LEU A 418 24.69 -5.00 -2.49
CA LEU A 418 24.96 -5.15 -3.91
C LEU A 418 26.46 -4.91 -4.10
N LEU A 419 27.08 -5.73 -4.96
CA LEU A 419 28.49 -5.55 -5.27
C LEU A 419 28.62 -5.67 -6.78
N ARG A 420 29.01 -4.56 -7.41
N ARG A 420 28.99 -4.57 -7.44
CA ARG A 420 29.25 -4.53 -8.84
CA ARG A 420 29.14 -4.53 -8.90
C ARG A 420 30.64 -5.08 -9.10
C ARG A 420 30.61 -4.81 -9.24
N GLY A 421 30.83 -5.54 -10.34
CA GLY A 421 32.14 -5.95 -10.85
C GLY A 421 32.16 -5.78 -12.35
N ALA A 422 33.32 -6.01 -13.00
CA ALA A 422 33.35 -6.00 -14.45
C ALA A 422 32.53 -7.18 -14.96
N VAL A 423 31.85 -7.01 -16.10
CA VAL A 423 30.98 -8.05 -16.60
C VAL A 423 31.80 -9.32 -16.84
N VAL A 424 31.28 -10.47 -16.41
CA VAL A 424 31.99 -11.74 -16.55
C VAL A 424 31.00 -12.77 -17.03
N GLU A 425 31.52 -13.82 -17.68
CA GLU A 425 30.69 -14.96 -18.01
C GLU A 425 31.25 -16.13 -17.23
N ALA A 426 30.45 -16.69 -16.33
CA ALA A 426 30.98 -17.61 -15.35
C ALA A 426 29.86 -18.54 -14.90
N GLN A 427 30.18 -19.80 -14.68
CA GLN A 427 29.21 -20.74 -14.14
C GLN A 427 29.41 -20.93 -12.62
N LYS A 428 30.63 -20.71 -12.10
CA LYS A 428 30.90 -21.00 -10.68
C LYS A 428 31.37 -19.73 -9.97
N ILE A 429 30.92 -19.57 -8.70
CA ILE A 429 31.11 -18.36 -7.93
C ILE A 429 31.45 -18.73 -6.49
N ARG A 430 32.43 -18.01 -5.94
CA ARG A 430 32.81 -18.22 -4.55
C ARG A 430 32.52 -16.96 -3.76
N VAL A 431 31.81 -17.16 -2.65
CA VAL A 431 31.65 -16.16 -1.63
C VAL A 431 32.47 -16.62 -0.43
N VAL A 432 33.45 -15.77 -0.08
CA VAL A 432 34.38 -16.10 0.98
C VAL A 432 34.16 -15.10 2.11
N ILE A 433 33.67 -15.61 3.24
CA ILE A 433 33.56 -14.74 4.40
C ILE A 433 34.85 -14.82 5.19
N THR A 434 35.52 -13.67 5.31
CA THR A 434 36.82 -13.55 5.97
C THR A 434 36.73 -13.06 7.42
N GLU A 435 35.64 -12.37 7.80
CA GLU A 435 35.49 -11.83 9.14
C GLU A 435 34.01 -11.70 9.47
N SER A 436 33.64 -12.02 10.71
CA SER A 436 32.26 -11.93 11.15
C SER A 436 32.28 -11.80 12.66
N GLN A 437 31.36 -10.99 13.19
CA GLN A 437 31.34 -10.64 14.59
C GLN A 437 30.74 -11.81 15.37
N ALA A 438 29.97 -12.65 14.67
CA ALA A 438 29.42 -13.88 15.22
C ALA A 438 29.13 -14.80 14.05
N LEU A 439 28.71 -16.03 14.34
CA LEU A 439 28.61 -17.04 13.30
C LEU A 439 27.72 -16.48 12.19
N PRO A 440 28.22 -16.43 10.94
CA PRO A 440 27.49 -15.73 9.87
C PRO A 440 26.24 -16.46 9.38
N LEU A 441 25.18 -15.68 9.11
CA LEU A 441 23.99 -16.17 8.43
C LEU A 441 23.79 -15.35 7.18
N LEU A 442 23.25 -16.00 6.15
CA LEU A 442 22.87 -15.31 4.94
C LEU A 442 21.52 -15.88 4.51
N THR A 443 20.63 -15.01 4.00
CA THR A 443 19.33 -15.49 3.58
C THR A 443 19.23 -15.54 2.06
N LYS A 444 20.22 -15.01 1.36
CA LYS A 444 20.03 -14.88 -0.08
C LYS A 444 21.34 -14.49 -0.73
N ILE A 445 21.63 -15.13 -1.88
CA ILE A 445 22.65 -14.69 -2.82
C ILE A 445 22.01 -14.68 -4.20
N SER A 446 22.19 -13.56 -4.91
CA SER A 446 21.57 -13.36 -6.21
C SER A 446 22.63 -12.81 -7.18
N LEU A 447 22.36 -12.94 -8.48
CA LEU A 447 23.30 -12.45 -9.49
C LEU A 447 22.46 -11.74 -10.55
N TYR A 448 22.89 -10.56 -10.99
CA TYR A 448 22.12 -9.86 -12.00
C TYR A 448 23.09 -9.29 -13.03
N LYS A 449 22.55 -8.94 -14.20
CA LYS A 449 23.22 -8.17 -15.23
C LYS A 449 22.55 -6.79 -15.31
N THR A 450 23.32 -5.70 -15.13
CA THR A 450 22.80 -4.36 -15.31
C THR A 450 22.40 -4.14 -16.78
N PRO A 451 21.34 -3.35 -17.09
N PRO A 451 21.36 -3.33 -17.09
CA PRO A 451 20.87 -3.19 -18.47
CA PRO A 451 20.99 -3.05 -18.48
C PRO A 451 21.72 -2.20 -19.29
C PRO A 451 21.88 -1.97 -19.13
N LYS B 3 -19.08 13.77 21.86
CA LYS B 3 -19.12 12.47 22.61
C LYS B 3 -20.34 11.65 22.19
N ILE B 4 -20.31 11.10 20.96
CA ILE B 4 -21.36 10.26 20.40
C ILE B 4 -21.01 8.80 20.65
N LYS B 5 -21.99 8.06 21.18
CA LYS B 5 -21.88 6.63 21.47
C LYS B 5 -22.03 5.82 20.17
N PRO B 6 -21.16 4.82 19.94
CA PRO B 6 -21.27 3.97 18.74
C PRO B 6 -22.58 3.20 18.78
N HIS B 7 -23.01 2.80 17.59
CA HIS B 7 -24.23 2.02 17.45
C HIS B 7 -23.99 0.81 16.58
N GLY B 8 -24.61 -0.31 16.97
CA GLY B 8 -24.56 -1.57 16.24
C GLY B 8 -23.15 -2.15 16.14
N PRO B 9 -22.98 -3.23 15.36
CA PRO B 9 -21.66 -3.86 15.21
C PRO B 9 -20.75 -3.00 14.33
N LEU B 10 -19.49 -2.85 14.76
CA LEU B 10 -18.63 -1.85 14.13
C LEU B 10 -17.75 -2.56 13.11
N PRO B 11 -17.41 -1.93 11.96
CA PRO B 11 -16.56 -2.59 10.98
C PRO B 11 -15.11 -2.63 11.50
N SER B 12 -14.40 -3.72 11.20
CA SER B 12 -12.96 -3.82 11.33
C SER B 12 -12.28 -2.86 10.33
N GLN B 13 -10.98 -2.61 10.59
CA GLN B 13 -10.15 -1.82 9.70
C GLN B 13 -10.14 -2.38 8.28
N THR B 14 -10.08 -3.71 8.13
CA THR B 14 -9.97 -4.31 6.80
C THR B 14 -11.30 -4.20 6.02
N GLN B 15 -12.42 -4.26 6.74
CA GLN B 15 -13.76 -4.08 6.18
C GLN B 15 -13.89 -2.66 5.63
N LEU B 16 -13.56 -1.66 6.47
CA LEU B 16 -13.61 -0.28 6.05
C LEU B 16 -12.71 -0.05 4.84
N ALA B 17 -11.54 -0.72 4.81
CA ALA B 17 -10.65 -0.41 3.71
C ALA B 17 -11.23 -0.95 2.40
N TYR B 18 -11.90 -2.11 2.47
CA TYR B 18 -12.58 -2.69 1.31
C TYR B 18 -13.71 -1.78 0.83
N LEU B 19 -14.53 -1.29 1.78
CA LEU B 19 -15.66 -0.45 1.42
C LEU B 19 -15.17 0.82 0.71
N GLY B 20 -14.01 1.36 1.14
CA GLY B 20 -13.48 2.57 0.54
C GLY B 20 -12.86 2.31 -0.83
N ASP B 21 -12.33 1.08 -1.00
CA ASP B 21 -11.66 0.61 -2.19
C ASP B 21 -12.66 0.40 -3.33
N GLU B 22 -13.87 -0.12 -2.99
CA GLU B 22 -15.01 -0.20 -3.90
C GLU B 22 -14.88 -1.26 -5.00
N LEU B 23 -13.69 -1.49 -5.55
CA LEU B 23 -13.60 -2.28 -6.78
C LEU B 23 -12.62 -3.44 -6.62
N ALA B 24 -13.12 -4.68 -6.73
CA ALA B 24 -12.29 -5.87 -6.77
C ALA B 24 -12.45 -6.54 -8.14
N ALA B 25 -11.42 -7.26 -8.56
CA ALA B 25 -11.53 -8.07 -9.76
C ALA B 25 -11.39 -9.54 -9.39
N PHE B 26 -12.20 -10.40 -10.03
CA PHE B 26 -12.13 -11.84 -9.91
C PHE B 26 -11.40 -12.34 -11.16
N ILE B 27 -10.59 -13.40 -11.01
CA ILE B 27 -10.03 -14.08 -12.16
C ILE B 27 -10.30 -15.58 -12.06
N HIS B 28 -11.18 -16.07 -12.95
CA HIS B 28 -11.42 -17.49 -13.16
C HIS B 28 -10.71 -17.95 -14.43
N PHE B 29 -9.69 -18.80 -14.25
CA PHE B 29 -8.91 -19.40 -15.32
C PHE B 29 -8.50 -20.80 -14.87
N GLY B 30 -8.42 -21.72 -15.84
CA GLY B 30 -8.08 -23.08 -15.51
C GLY B 30 -8.47 -24.05 -16.62
N PRO B 31 -8.47 -25.38 -16.34
CA PRO B 31 -8.93 -26.41 -17.28
C PRO B 31 -10.22 -26.04 -18.01
N ASN B 32 -11.18 -25.49 -17.23
CA ASN B 32 -12.49 -25.14 -17.78
C ASN B 32 -12.31 -24.20 -18.97
N THR B 33 -11.23 -23.39 -18.99
CA THR B 33 -11.05 -22.48 -20.11
C THR B 33 -10.79 -23.27 -21.40
N PHE B 34 -10.08 -24.39 -21.27
CA PHE B 34 -9.65 -25.23 -22.40
C PHE B 34 -10.73 -26.23 -22.74
N TYR B 35 -11.63 -26.51 -21.79
CA TYR B 35 -12.72 -27.45 -22.05
C TYR B 35 -14.03 -26.75 -22.35
N ASP B 36 -14.01 -25.42 -22.53
CA ASP B 36 -15.20 -24.64 -22.87
C ASP B 36 -16.38 -25.07 -21.99
N GLN B 37 -16.19 -25.00 -20.67
CA GLN B 37 -17.22 -25.37 -19.70
C GLN B 37 -17.16 -24.40 -18.53
N GLU B 38 -18.17 -24.48 -17.65
CA GLU B 38 -18.31 -23.58 -16.52
C GLU B 38 -18.02 -24.35 -15.23
N TRP B 39 -18.26 -25.66 -15.26
CA TRP B 39 -17.92 -26.54 -14.14
C TRP B 39 -17.12 -27.73 -14.69
N GLY B 40 -16.07 -28.14 -13.98
CA GLY B 40 -15.26 -29.29 -14.41
C GLY B 40 -15.53 -30.52 -13.54
N THR B 41 -15.01 -31.69 -13.93
CA THR B 41 -15.36 -32.92 -13.24
C THR B 41 -14.15 -33.49 -12.49
N GLY B 42 -12.95 -32.97 -12.77
CA GLY B 42 -11.73 -33.51 -12.20
C GLY B 42 -11.15 -34.66 -13.02
N GLN B 43 -11.77 -34.95 -14.18
CA GLN B 43 -11.24 -35.94 -15.10
C GLN B 43 -10.58 -35.22 -16.27
N GLU B 44 -10.43 -33.89 -16.18
CA GLU B 44 -9.75 -33.13 -17.22
C GLU B 44 -8.29 -33.59 -17.31
N ASP B 45 -7.75 -33.56 -18.53
CA ASP B 45 -6.36 -33.94 -18.81
C ASP B 45 -5.44 -32.73 -18.65
N PRO B 46 -4.50 -32.78 -17.68
CA PRO B 46 -3.59 -31.67 -17.45
C PRO B 46 -2.82 -31.28 -18.71
N GLU B 47 -2.64 -32.25 -19.62
CA GLU B 47 -1.92 -32.04 -20.88
C GLU B 47 -2.57 -30.90 -21.65
N ARG B 48 -3.88 -30.74 -21.45
CA ARG B 48 -4.69 -29.74 -22.12
C ARG B 48 -4.50 -28.35 -21.51
N PHE B 49 -4.09 -28.27 -20.23
CA PHE B 49 -3.85 -26.99 -19.61
C PHE B 49 -2.53 -26.42 -20.12
N ASN B 50 -2.61 -25.59 -21.16
CA ASN B 50 -1.40 -25.10 -21.81
C ASN B 50 -1.62 -23.71 -22.41
N PRO B 51 -1.73 -22.64 -21.60
CA PRO B 51 -1.80 -21.28 -22.15
C PRO B 51 -0.60 -20.88 -23.01
N SER B 52 -0.88 -20.36 -24.21
CA SER B 52 0.18 -20.07 -25.17
C SER B 52 1.06 -18.89 -24.75
N GLN B 53 0.46 -17.82 -24.24
CA GLN B 53 1.33 -16.71 -23.87
C GLN B 53 0.82 -16.01 -22.62
N LEU B 54 0.64 -16.78 -21.54
CA LEU B 54 0.09 -16.19 -20.33
C LEU B 54 0.94 -15.01 -19.85
N ASP B 55 0.29 -13.87 -19.60
CA ASP B 55 1.02 -12.72 -19.10
C ASP B 55 0.27 -12.08 -17.93
N ALA B 56 0.54 -12.58 -16.73
CA ALA B 56 -0.11 -12.11 -15.51
C ALA B 56 0.19 -10.64 -15.26
N ARG B 57 1.40 -10.20 -15.62
CA ARG B 57 1.74 -8.79 -15.48
C ARG B 57 0.75 -7.93 -16.28
N GLU B 58 0.25 -8.46 -17.41
CA GLU B 58 -0.71 -7.71 -18.22
C GLU B 58 -2.07 -7.64 -17.51
N TRP B 59 -2.55 -8.78 -16.98
CA TRP B 59 -3.74 -8.82 -16.13
C TRP B 59 -3.69 -7.67 -15.12
N VAL B 60 -2.63 -7.64 -14.31
CA VAL B 60 -2.51 -6.70 -13.20
C VAL B 60 -2.41 -5.25 -13.71
N ARG B 61 -1.66 -5.03 -14.80
CA ARG B 61 -1.44 -3.66 -15.28
C ARG B 61 -2.75 -3.01 -15.69
N VAL B 62 -3.59 -3.75 -16.43
CA VAL B 62 -4.89 -3.28 -16.88
C VAL B 62 -5.86 -3.09 -15.70
N LEU B 63 -5.94 -4.08 -14.80
CA LEU B 63 -6.77 -3.94 -13.60
C LEU B 63 -6.36 -2.70 -12.82
N LYS B 64 -5.06 -2.48 -12.63
CA LYS B 64 -4.61 -1.32 -11.89
C LYS B 64 -5.07 -0.04 -12.60
N GLU B 65 -4.94 -0.02 -13.93
CA GLU B 65 -5.13 1.19 -14.71
C GLU B 65 -6.61 1.49 -14.78
N THR B 66 -7.43 0.45 -14.65
CA THR B 66 -8.88 0.62 -14.77
C THR B 66 -9.56 0.65 -13.39
N GLY B 67 -8.79 0.91 -12.33
CA GLY B 67 -9.37 1.33 -11.07
C GLY B 67 -9.60 0.21 -10.04
N PHE B 68 -9.26 -1.02 -10.40
CA PHE B 68 -9.40 -2.16 -9.50
C PHE B 68 -8.38 -2.15 -8.36
N LYS B 69 -8.85 -2.40 -7.14
CA LYS B 69 -7.94 -2.22 -6.03
C LYS B 69 -7.49 -3.59 -5.51
N LYS B 70 -8.14 -4.66 -5.97
CA LYS B 70 -7.86 -5.98 -5.44
C LYS B 70 -8.11 -7.01 -6.54
N LEU B 71 -7.35 -8.12 -6.49
CA LEU B 71 -7.40 -9.17 -7.50
C LEU B 71 -7.61 -10.47 -6.74
N ILE B 72 -8.76 -11.13 -6.93
CA ILE B 72 -9.04 -12.42 -6.31
C ILE B 72 -8.87 -13.51 -7.36
N LEU B 73 -7.86 -14.37 -7.19
CA LEU B 73 -7.50 -15.38 -8.19
C LEU B 73 -7.99 -16.74 -7.73
N VAL B 74 -8.62 -17.49 -8.64
CA VAL B 74 -8.99 -18.87 -8.38
C VAL B 74 -7.72 -19.68 -8.57
N VAL B 75 -7.27 -20.37 -7.51
CA VAL B 75 -6.09 -21.21 -7.63
C VAL B 75 -6.51 -22.68 -7.70
N LYS B 76 -7.78 -22.94 -7.37
CA LYS B 76 -8.36 -24.26 -7.48
C LYS B 76 -9.88 -24.10 -7.59
N HIS B 77 -10.46 -24.50 -8.72
CA HIS B 77 -11.91 -24.48 -8.87
C HIS B 77 -12.51 -25.83 -8.43
N HIS B 78 -13.82 -26.04 -8.64
CA HIS B 78 -14.49 -27.29 -8.26
C HIS B 78 -13.79 -28.53 -8.83
N ASP B 79 -13.22 -28.40 -10.04
CA ASP B 79 -12.59 -29.51 -10.75
C ASP B 79 -11.38 -30.02 -9.97
N GLY B 80 -10.80 -29.19 -9.10
CA GLY B 80 -9.78 -29.65 -8.15
C GLY B 80 -8.33 -29.50 -8.63
N PHE B 81 -8.16 -29.01 -9.87
CA PHE B 81 -6.84 -28.84 -10.46
C PHE B 81 -6.19 -27.59 -9.88
N VAL B 82 -5.02 -27.75 -9.26
CA VAL B 82 -4.41 -26.70 -8.45
C VAL B 82 -3.39 -25.93 -9.30
N LEU B 83 -3.42 -24.59 -9.22
CA LEU B 83 -2.75 -23.80 -10.24
C LEU B 83 -1.40 -23.27 -9.75
N TYR B 84 -0.96 -23.79 -8.61
CA TYR B 84 0.40 -23.58 -8.13
C TYR B 84 0.94 -24.98 -7.80
N PRO B 85 2.28 -25.16 -7.78
CA PRO B 85 2.89 -26.47 -7.54
C PRO B 85 2.76 -26.97 -6.10
N THR B 86 1.53 -27.32 -5.69
CA THR B 86 1.28 -27.72 -4.32
C THR B 86 2.01 -29.01 -3.97
N ALA B 87 2.26 -29.19 -2.67
CA ALA B 87 2.95 -30.37 -2.16
C ALA B 87 1.94 -31.48 -1.92
N HIS B 88 0.65 -31.17 -2.00
CA HIS B 88 -0.31 -32.06 -1.36
C HIS B 88 -1.22 -32.79 -2.36
N THR B 89 -0.99 -32.57 -3.65
CA THR B 89 -1.69 -33.35 -4.68
C THR B 89 -0.87 -33.36 -5.96
N ASP B 90 -1.08 -34.44 -6.74
CA ASP B 90 -0.45 -34.61 -8.04
C ASP B 90 -1.23 -33.84 -9.11
N TYR B 91 -2.51 -33.56 -8.84
CA TYR B 91 -3.36 -32.89 -9.80
C TYR B 91 -3.14 -31.38 -9.74
N SER B 92 -2.01 -30.93 -10.34
CA SER B 92 -1.56 -29.56 -10.30
C SER B 92 -0.83 -29.22 -11.59
N VAL B 93 -0.45 -27.95 -11.75
CA VAL B 93 0.31 -27.45 -12.89
C VAL B 93 1.62 -28.22 -13.04
N LYS B 94 1.97 -29.07 -12.06
CA LYS B 94 3.25 -29.76 -12.15
C LYS B 94 3.24 -30.81 -13.27
N VAL B 95 2.04 -31.30 -13.63
CA VAL B 95 1.96 -32.34 -14.65
C VAL B 95 1.40 -31.78 -15.96
N SER B 96 1.50 -30.47 -16.16
CA SER B 96 1.02 -29.84 -17.39
C SER B 96 2.22 -29.29 -18.17
N PRO B 97 2.12 -29.15 -19.52
CA PRO B 97 3.24 -28.62 -20.29
C PRO B 97 3.57 -27.16 -20.00
N TRP B 98 2.60 -26.41 -19.43
CA TRP B 98 2.77 -24.97 -19.26
C TRP B 98 4.09 -24.70 -18.51
N ARG B 99 4.92 -23.81 -19.07
CA ARG B 99 6.24 -23.44 -18.56
C ARG B 99 7.11 -24.69 -18.35
N ARG B 100 6.91 -25.69 -19.21
CA ARG B 100 7.66 -26.95 -19.18
C ARG B 100 7.50 -27.67 -17.81
N GLY B 101 6.34 -27.52 -17.16
CA GLY B 101 6.03 -28.19 -15.90
C GLY B 101 6.44 -27.42 -14.65
N LYS B 102 7.00 -26.21 -14.82
CA LYS B 102 7.52 -25.44 -13.71
C LYS B 102 6.71 -24.18 -13.47
N GLY B 103 5.44 -24.18 -13.92
CA GLY B 103 4.60 -23.00 -13.80
C GLY B 103 3.99 -22.86 -12.40
N ASP B 104 3.84 -21.60 -11.97
CA ASP B 104 3.13 -21.28 -10.75
C ASP B 104 2.29 -20.02 -10.99
N LEU B 105 0.98 -20.20 -11.25
CA LEU B 105 0.16 -19.05 -11.57
C LEU B 105 0.06 -18.10 -10.37
N LEU B 106 0.04 -18.67 -9.17
CA LEU B 106 -0.05 -17.84 -7.96
C LEU B 106 1.19 -16.95 -7.80
N LEU B 107 2.39 -17.52 -8.02
CA LEU B 107 3.63 -16.76 -8.03
C LEU B 107 3.60 -15.69 -9.11
N GLU B 108 3.22 -16.07 -10.34
CA GLU B 108 3.22 -15.10 -11.43
C GLU B 108 2.33 -13.91 -11.08
N VAL B 109 1.11 -14.21 -10.61
CA VAL B 109 0.17 -13.14 -10.28
C VAL B 109 0.75 -12.29 -9.13
N SER B 110 1.16 -12.95 -8.04
CA SER B 110 1.62 -12.25 -6.85
C SER B 110 2.78 -11.30 -7.17
N GLN B 111 3.68 -11.77 -8.03
CA GLN B 111 4.86 -11.01 -8.44
C GLN B 111 4.43 -9.70 -9.09
N ALA B 112 3.52 -9.80 -10.05
CA ALA B 112 2.97 -8.66 -10.75
C ALA B 112 2.16 -7.78 -9.78
N ALA B 113 1.37 -8.44 -8.91
CA ALA B 113 0.59 -7.70 -7.92
C ALA B 113 1.50 -6.92 -6.99
N THR B 114 2.61 -7.55 -6.58
CA THR B 114 3.52 -6.89 -5.67
C THR B 114 4.08 -5.64 -6.33
N GLU B 115 4.34 -5.77 -7.65
CA GLU B 115 4.95 -4.72 -8.41
C GLU B 115 4.00 -3.52 -8.44
N PHE B 116 2.71 -3.81 -8.63
CA PHE B 116 1.71 -2.77 -8.79
C PHE B 116 1.06 -2.37 -7.45
N ASP B 117 1.42 -3.04 -6.35
CA ASP B 117 0.79 -2.73 -5.06
C ASP B 117 -0.72 -2.95 -5.17
N MET B 118 -1.07 -4.10 -5.76
CA MET B 118 -2.43 -4.52 -6.00
C MET B 118 -2.74 -5.58 -4.95
N ASP B 119 -3.72 -5.29 -4.08
CA ASP B 119 -4.10 -6.27 -3.07
C ASP B 119 -4.53 -7.56 -3.75
N MET B 120 -4.43 -8.66 -2.99
CA MET B 120 -4.55 -10.00 -3.53
C MET B 120 -5.56 -10.78 -2.72
N GLY B 121 -6.39 -11.54 -3.41
CA GLY B 121 -7.25 -12.53 -2.76
C GLY B 121 -7.08 -13.88 -3.45
N VAL B 122 -7.51 -14.94 -2.75
CA VAL B 122 -7.33 -16.28 -3.25
C VAL B 122 -8.62 -17.07 -3.03
N TYR B 123 -9.02 -17.81 -4.09
CA TYR B 123 -10.22 -18.62 -4.07
C TYR B 123 -9.77 -20.08 -4.17
N LEU B 124 -10.11 -20.85 -3.14
CA LEU B 124 -9.76 -22.27 -3.07
C LEU B 124 -11.04 -23.04 -2.78
N SER B 125 -11.53 -23.75 -3.81
CA SER B 125 -12.89 -24.28 -3.79
C SER B 125 -13.05 -25.31 -2.67
N PRO B 126 -13.95 -25.12 -1.68
CA PRO B 126 -14.30 -26.20 -0.76
C PRO B 126 -14.70 -27.50 -1.47
N TRP B 127 -15.70 -27.43 -2.34
CA TRP B 127 -16.09 -28.60 -3.11
C TRP B 127 -14.95 -28.95 -4.06
N ASP B 128 -14.49 -30.21 -3.98
CA ASP B 128 -13.41 -30.72 -4.79
C ASP B 128 -13.88 -31.98 -5.52
N ALA B 129 -14.05 -31.87 -6.85
CA ALA B 129 -14.55 -32.98 -7.65
C ALA B 129 -13.42 -33.96 -7.98
N HIS B 130 -12.16 -33.55 -7.78
CA HIS B 130 -11.05 -34.43 -8.10
C HIS B 130 -10.70 -35.32 -6.89
N SER B 131 -10.39 -34.67 -5.77
CA SER B 131 -9.74 -35.31 -4.64
C SER B 131 -10.45 -36.60 -4.25
N PRO B 132 -9.77 -37.77 -4.25
CA PRO B 132 -10.37 -38.98 -3.67
C PRO B 132 -10.53 -38.87 -2.15
N LEU B 133 -10.06 -37.75 -1.57
CA LEU B 133 -10.29 -37.49 -0.16
C LEU B 133 -11.67 -36.88 0.06
N TYR B 134 -12.31 -36.42 -1.03
CA TYR B 134 -13.56 -35.68 -0.93
C TYR B 134 -14.73 -36.66 -0.79
N HIS B 135 -14.97 -37.07 0.45
CA HIS B 135 -15.90 -38.14 0.75
C HIS B 135 -16.26 -38.04 2.23
N VAL B 136 -17.49 -38.44 2.61
CA VAL B 136 -17.92 -38.26 3.99
C VAL B 136 -17.13 -39.19 4.90
N ASP B 137 -16.75 -40.36 4.36
CA ASP B 137 -16.01 -41.38 5.09
C ASP B 137 -14.58 -40.89 5.36
N ARG B 138 -14.10 -39.96 4.53
CA ARG B 138 -12.77 -39.42 4.63
C ARG B 138 -12.80 -37.89 4.83
N GLU B 139 -13.84 -37.33 5.46
CA GLU B 139 -13.96 -35.88 5.44
C GLU B 139 -12.83 -35.21 6.23
N ALA B 140 -12.34 -35.87 7.29
CA ALA B 140 -11.21 -35.36 8.04
C ALA B 140 -9.98 -35.18 7.15
N ASP B 141 -9.79 -36.09 6.20
CA ASP B 141 -8.61 -36.09 5.35
C ASP B 141 -8.71 -34.94 4.34
N TYR B 142 -9.93 -34.72 3.82
CA TYR B 142 -10.14 -33.61 2.90
C TYR B 142 -9.95 -32.30 3.67
N ASN B 143 -10.45 -32.22 4.90
CA ASN B 143 -10.21 -31.01 5.67
C ASN B 143 -8.73 -30.74 5.91
N ALA B 144 -7.98 -31.79 6.23
CA ALA B 144 -6.55 -31.67 6.47
C ALA B 144 -5.86 -31.21 5.19
N TYR B 145 -6.26 -31.75 4.04
CA TYR B 145 -5.71 -31.37 2.74
C TYR B 145 -5.97 -29.89 2.45
N TYR B 146 -7.20 -29.46 2.75
CA TYR B 146 -7.63 -28.09 2.47
C TYR B 146 -6.82 -27.13 3.33
N LEU B 147 -6.77 -27.44 4.64
CA LEU B 147 -6.07 -26.60 5.60
C LEU B 147 -4.59 -26.53 5.23
N ALA B 148 -4.02 -27.65 4.77
CA ALA B 148 -2.61 -27.63 4.41
C ALA B 148 -2.37 -26.72 3.20
N GLN B 149 -3.34 -26.65 2.27
CA GLN B 149 -3.12 -25.78 1.13
C GLN B 149 -3.26 -24.31 1.57
N LEU B 150 -4.11 -24.08 2.59
CA LEU B 150 -4.25 -22.73 3.13
C LEU B 150 -2.90 -22.23 3.67
N LYS B 151 -2.16 -23.13 4.34
CA LYS B 151 -0.88 -22.82 4.95
C LYS B 151 0.18 -22.62 3.87
N GLU B 152 0.08 -23.42 2.82
CA GLU B 152 1.01 -23.27 1.70
C GLU B 152 0.87 -21.89 1.09
N ILE B 153 -0.37 -21.45 0.90
CA ILE B 153 -0.61 -20.20 0.20
C ILE B 153 -0.24 -19.04 1.12
N LEU B 154 -0.71 -19.10 2.38
CA LEU B 154 -0.80 -17.89 3.17
C LEU B 154 0.47 -17.65 3.99
N SER B 155 1.38 -18.62 4.04
CA SER B 155 2.67 -18.46 4.72
C SER B 155 3.85 -18.23 3.76
N ASN B 156 3.63 -18.31 2.44
CA ASN B 156 4.72 -18.04 1.50
C ASN B 156 4.86 -16.56 1.20
N PRO B 157 6.00 -15.92 1.54
CA PRO B 157 6.19 -14.48 1.32
C PRO B 157 6.28 -14.08 -0.15
N ASN B 158 6.40 -15.05 -1.05
CA ASN B 158 6.38 -14.77 -2.49
C ASN B 158 4.93 -14.71 -3.02
N TYR B 159 3.96 -15.08 -2.18
CA TYR B 159 2.56 -15.10 -2.59
C TYR B 159 1.86 -13.89 -1.98
N GLY B 160 0.81 -13.42 -2.66
CA GLY B 160 0.12 -12.19 -2.27
C GLY B 160 0.95 -10.95 -2.59
N ASN B 161 0.45 -9.77 -2.17
CA ASN B 161 1.06 -8.47 -2.34
C ASN B 161 2.12 -8.31 -1.24
N ALA B 162 3.38 -8.63 -1.58
CA ALA B 162 4.48 -8.59 -0.63
C ALA B 162 4.15 -9.48 0.57
N GLY B 163 3.69 -10.71 0.31
CA GLY B 163 3.48 -11.65 1.40
C GLY B 163 2.07 -11.58 2.00
N LYS B 164 1.31 -10.52 1.66
CA LYS B 164 0.04 -10.19 2.28
C LYS B 164 -1.15 -10.53 1.37
N PHE B 165 -2.15 -11.20 1.97
CA PHE B 165 -3.44 -11.42 1.33
C PHE B 165 -4.54 -10.61 2.02
N ALA B 166 -5.46 -10.06 1.21
CA ALA B 166 -6.54 -9.24 1.73
C ALA B 166 -7.89 -9.99 1.79
N GLU B 167 -8.03 -11.12 1.07
CA GLU B 167 -9.29 -11.83 1.08
C GLU B 167 -9.08 -13.32 0.79
N VAL B 168 -9.81 -14.20 1.50
CA VAL B 168 -9.93 -15.61 1.17
C VAL B 168 -11.40 -15.89 0.83
N TRP B 169 -11.64 -16.54 -0.32
CA TRP B 169 -12.96 -16.80 -0.85
C TRP B 169 -13.25 -18.30 -0.78
N MET B 170 -14.33 -18.65 -0.08
CA MET B 170 -14.72 -20.04 0.10
C MET B 170 -16.13 -20.21 -0.48
N ASN B 171 -16.17 -20.56 -1.77
CA ASN B 171 -17.42 -20.75 -2.47
C ASN B 171 -18.29 -21.76 -1.73
N GLY B 172 -19.61 -21.53 -1.74
CA GLY B 172 -20.58 -22.42 -1.13
C GLY B 172 -21.27 -23.35 -2.13
N ALA B 173 -20.91 -23.25 -3.44
CA ALA B 173 -21.50 -24.07 -4.49
C ALA B 173 -21.11 -25.53 -4.32
N ARG B 174 -22.05 -26.44 -4.62
CA ARG B 174 -21.76 -27.87 -4.64
C ARG B 174 -22.81 -28.59 -5.49
N GLY B 175 -22.35 -29.51 -6.35
CA GLY B 175 -23.18 -30.31 -7.25
C GLY B 175 -24.14 -31.22 -6.50
N GLU B 176 -25.29 -31.50 -7.15
CA GLU B 176 -26.41 -32.23 -6.57
C GLU B 176 -25.96 -33.56 -6.00
N GLY B 177 -25.21 -34.34 -6.81
CA GLY B 177 -24.88 -35.73 -6.49
C GLY B 177 -23.54 -35.88 -5.78
N ALA B 178 -22.87 -34.74 -5.48
CA ALA B 178 -21.57 -34.76 -4.84
C ALA B 178 -21.69 -35.24 -3.40
N GLN B 179 -20.57 -35.77 -2.86
CA GLN B 179 -20.42 -36.18 -1.48
C GLN B 179 -20.71 -35.02 -0.52
N LYS B 180 -21.41 -35.31 0.59
CA LYS B 180 -21.87 -34.27 1.50
C LYS B 180 -20.82 -34.00 2.58
N VAL B 181 -19.63 -33.56 2.15
CA VAL B 181 -18.52 -33.32 3.06
C VAL B 181 -18.85 -32.12 3.93
N ASN B 182 -18.51 -32.20 5.22
CA ASN B 182 -18.61 -31.07 6.13
C ASN B 182 -17.23 -30.45 6.33
N TYR B 183 -17.19 -29.11 6.43
CA TYR B 183 -15.95 -28.35 6.48
C TYR B 183 -15.62 -27.95 7.91
N GLU B 184 -14.32 -27.94 8.23
N GLU B 184 -14.32 -27.95 8.25
CA GLU B 184 -13.83 -27.49 9.52
CA GLU B 184 -13.85 -27.51 9.56
C GLU B 184 -13.58 -25.99 9.47
C GLU B 184 -13.60 -26.00 9.51
N PHE B 185 -14.67 -25.22 9.34
CA PHE B 185 -14.62 -23.78 9.13
C PHE B 185 -13.77 -23.07 10.18
N GLU B 186 -14.07 -23.32 11.46
CA GLU B 186 -13.33 -22.66 12.52
C GLU B 186 -11.82 -22.93 12.41
N LYS B 187 -11.41 -24.17 12.12
CA LYS B 187 -10.00 -24.48 12.00
C LYS B 187 -9.38 -23.68 10.85
N TRP B 188 -10.06 -23.63 9.69
CA TRP B 188 -9.63 -22.81 8.56
C TRP B 188 -9.47 -21.34 8.96
N PHE B 189 -10.47 -20.81 9.68
CA PHE B 189 -10.50 -19.39 10.06
C PHE B 189 -9.32 -19.06 10.97
N GLU B 190 -9.06 -19.95 11.94
CA GLU B 190 -7.94 -19.81 12.86
C GLU B 190 -6.60 -19.74 12.11
N THR B 191 -6.37 -20.67 11.18
CA THR B 191 -5.18 -20.63 10.34
C THR B 191 -5.07 -19.30 9.56
N ILE B 192 -6.18 -18.82 8.99
CA ILE B 192 -6.13 -17.58 8.21
C ILE B 192 -5.72 -16.42 9.12
N ARG B 193 -6.22 -16.44 10.37
CA ARG B 193 -5.92 -15.40 11.33
C ARG B 193 -4.45 -15.46 11.75
N ASP B 194 -3.95 -16.67 12.00
CA ASP B 194 -2.55 -16.88 12.39
C ASP B 194 -1.63 -16.31 11.32
N LEU B 195 -1.97 -16.54 10.04
CA LEU B 195 -1.04 -16.26 8.96
C LEU B 195 -1.25 -14.88 8.35
N GLN B 196 -2.49 -14.36 8.36
CA GLN B 196 -2.81 -13.14 7.63
C GLN B 196 -3.72 -12.21 8.46
N GLY B 197 -3.77 -12.38 9.79
CA GLY B 197 -4.40 -11.39 10.64
C GLY B 197 -5.89 -11.26 10.34
N ASP B 198 -6.36 -10.03 10.14
CA ASP B 198 -7.75 -9.73 9.80
C ASP B 198 -8.07 -9.75 8.29
N CYS B 199 -7.26 -10.46 7.48
CA CYS B 199 -7.67 -10.85 6.13
C CYS B 199 -9.17 -11.15 6.09
N LEU B 200 -9.84 -10.63 5.05
CA LEU B 200 -11.29 -10.79 4.98
C LEU B 200 -11.60 -12.19 4.45
N ILE B 201 -12.68 -12.79 4.96
CA ILE B 201 -13.09 -14.11 4.54
C ILE B 201 -14.53 -14.06 4.02
N PHE B 202 -14.69 -14.40 2.72
CA PHE B 202 -15.98 -14.68 2.15
C PHE B 202 -16.29 -16.13 2.43
N SER B 203 -17.40 -16.41 3.11
CA SER B 203 -17.84 -17.79 3.28
C SER B 203 -19.37 -17.82 3.49
N THR B 204 -19.92 -19.04 3.54
CA THR B 204 -21.32 -19.24 3.91
C THR B 204 -21.57 -18.99 5.39
N GLU B 205 -20.50 -18.81 6.20
CA GLU B 205 -20.59 -18.77 7.66
C GLU B 205 -20.42 -17.34 8.17
N GLY B 206 -20.37 -17.17 9.51
CA GLY B 206 -20.34 -15.83 10.09
C GLY B 206 -19.05 -15.05 9.90
N THR B 207 -18.62 -14.85 8.63
CA THR B 207 -17.32 -14.23 8.41
C THR B 207 -17.48 -12.73 8.12
N SER B 208 -16.38 -12.07 7.72
CA SER B 208 -16.48 -10.63 7.54
C SER B 208 -17.11 -10.26 6.19
N ILE B 209 -17.21 -11.20 5.26
CA ILE B 209 -17.86 -10.99 3.97
C ILE B 209 -18.90 -12.08 3.75
N ARG B 210 -20.10 -11.69 3.29
CA ARG B 210 -21.13 -12.63 2.88
C ARG B 210 -21.46 -12.46 1.38
N TRP B 211 -22.09 -13.50 0.87
CA TRP B 211 -22.66 -13.47 -0.47
C TRP B 211 -23.88 -12.55 -0.42
N ILE B 212 -24.05 -11.76 -1.50
CA ILE B 212 -25.17 -10.84 -1.64
C ILE B 212 -26.44 -11.60 -2.04
N GLY B 213 -26.29 -12.84 -2.52
CA GLY B 213 -27.45 -13.68 -2.76
C GLY B 213 -27.87 -13.76 -4.23
N ASN B 214 -27.13 -13.09 -5.12
CA ASN B 214 -27.35 -13.25 -6.54
C ASN B 214 -26.02 -13.03 -7.27
N GLN B 215 -25.98 -13.28 -8.58
CA GLN B 215 -24.76 -13.06 -9.33
C GLN B 215 -25.04 -12.04 -10.41
N ARG B 216 -25.95 -11.12 -10.09
CA ARG B 216 -26.26 -9.99 -10.97
C ARG B 216 -25.50 -8.75 -10.50
N GLY B 217 -24.90 -8.81 -9.30
CA GLY B 217 -24.27 -7.65 -8.72
C GLY B 217 -25.28 -6.69 -8.09
N TYR B 218 -26.39 -7.24 -7.57
CA TYR B 218 -27.46 -6.41 -7.05
C TYR B 218 -27.53 -6.53 -5.52
N ALA B 219 -27.17 -5.43 -4.84
CA ALA B 219 -27.42 -5.22 -3.42
C ALA B 219 -28.84 -4.70 -3.22
N GLY B 220 -29.47 -5.15 -2.14
CA GLY B 220 -30.79 -4.69 -1.78
C GLY B 220 -30.77 -3.24 -1.29
N ASP B 221 -31.95 -2.62 -1.31
CA ASP B 221 -32.21 -1.40 -0.56
C ASP B 221 -33.41 -1.67 0.34
N PRO B 222 -33.28 -1.78 1.69
CA PRO B 222 -32.03 -1.50 2.41
C PRO B 222 -30.89 -2.51 2.22
N LEU B 223 -29.65 -2.02 2.28
CA LEU B 223 -28.52 -2.88 2.54
C LEU B 223 -27.97 -2.60 3.94
N TRP B 224 -28.35 -3.44 4.93
CA TRP B 224 -27.67 -3.47 6.23
C TRP B 224 -26.37 -4.26 6.13
N GLN B 225 -25.24 -3.61 6.42
CA GLN B 225 -23.95 -4.29 6.31
C GLN B 225 -23.70 -5.00 7.65
N LYS B 226 -24.51 -6.03 7.89
CA LYS B 226 -24.53 -6.70 9.17
C LYS B 226 -25.58 -7.80 9.14
N VAL B 227 -25.21 -8.92 9.75
CA VAL B 227 -26.07 -10.08 9.83
C VAL B 227 -25.96 -10.70 11.22
N ASN B 228 -26.85 -11.65 11.44
CA ASN B 228 -26.83 -12.57 12.56
C ASN B 228 -26.32 -13.92 12.07
N PRO B 229 -25.15 -14.41 12.56
CA PRO B 229 -24.56 -15.65 12.04
C PRO B 229 -25.50 -16.86 12.10
N ASP B 230 -26.41 -16.89 13.08
CA ASP B 230 -27.39 -17.96 13.22
C ASP B 230 -28.27 -18.03 11.96
N LYS B 231 -28.25 -16.97 11.16
CA LYS B 231 -29.14 -16.91 10.01
C LYS B 231 -28.35 -17.15 8.73
N LEU B 232 -27.09 -17.59 8.88
CA LEU B 232 -26.27 -17.84 7.70
C LEU B 232 -26.20 -19.34 7.40
N GLY B 233 -25.02 -19.83 7.01
CA GLY B 233 -24.93 -21.19 6.50
C GLY B 233 -25.36 -21.30 5.02
N THR B 234 -25.29 -22.52 4.49
CA THR B 234 -25.66 -22.87 3.12
C THR B 234 -27.15 -22.60 2.88
N GLU B 235 -27.96 -22.61 3.96
CA GLU B 235 -29.41 -22.46 3.89
C GLU B 235 -29.88 -21.00 4.07
N ALA B 236 -28.97 -20.02 4.15
CA ALA B 236 -29.34 -18.62 4.31
C ALA B 236 -30.38 -18.19 3.27
N GLU B 237 -31.41 -17.49 3.74
CA GLU B 237 -32.43 -16.90 2.87
C GLU B 237 -31.77 -15.87 1.97
N LEU B 238 -32.06 -15.96 0.66
CA LEU B 238 -31.39 -15.09 -0.32
C LEU B 238 -31.71 -13.62 -0.08
N ASN B 239 -32.96 -13.31 0.32
CA ASN B 239 -33.34 -11.91 0.59
C ASN B 239 -32.69 -11.42 1.88
N TYR B 240 -32.39 -12.32 2.81
CA TYR B 240 -31.70 -11.92 4.02
C TYR B 240 -30.26 -11.53 3.66
N LEU B 241 -29.63 -12.38 2.84
CA LEU B 241 -28.32 -12.05 2.30
C LEU B 241 -28.33 -10.67 1.64
N GLN B 242 -29.36 -10.40 0.82
CA GLN B 242 -29.39 -9.29 -0.11
C GLN B 242 -29.59 -7.96 0.62
N HIS B 243 -30.28 -8.01 1.76
CA HIS B 243 -30.66 -6.81 2.50
C HIS B 243 -29.93 -6.74 3.83
N GLY B 244 -29.33 -7.84 4.27
CA GLY B 244 -28.73 -7.86 5.60
C GLY B 244 -29.82 -7.76 6.67
N ASP B 245 -29.44 -7.48 7.91
CA ASP B 245 -30.33 -7.63 9.04
C ASP B 245 -30.32 -6.32 9.81
N PRO B 246 -31.44 -5.58 9.97
CA PRO B 246 -31.40 -4.33 10.70
C PRO B 246 -31.00 -4.57 12.16
N SER B 247 -30.99 -5.83 12.63
CA SER B 247 -30.63 -6.16 14.02
C SER B 247 -29.44 -7.11 14.06
N GLY B 248 -28.55 -6.94 13.06
CA GLY B 248 -27.44 -7.83 12.90
C GLY B 248 -26.39 -7.68 14.01
N THR B 249 -25.70 -8.80 14.30
CA THR B 249 -24.77 -8.85 15.41
C THR B 249 -23.30 -8.66 15.01
N ILE B 250 -22.93 -8.94 13.75
CA ILE B 250 -21.57 -8.77 13.25
C ILE B 250 -21.62 -7.84 12.04
N PHE B 251 -20.62 -6.96 11.88
CA PHE B 251 -20.54 -6.19 10.66
C PHE B 251 -20.18 -7.17 9.54
N SER B 252 -20.81 -7.03 8.40
CA SER B 252 -20.73 -8.03 7.34
C SER B 252 -20.89 -7.35 5.99
N ILE B 253 -19.92 -7.51 5.08
CA ILE B 253 -20.03 -6.90 3.78
C ILE B 253 -20.76 -7.87 2.84
N GLY B 254 -21.93 -7.45 2.35
CA GLY B 254 -22.61 -8.22 1.32
C GLY B 254 -21.97 -7.96 -0.04
N GLU B 255 -20.98 -8.78 -0.39
CA GLU B 255 -20.12 -8.53 -1.54
C GLU B 255 -20.90 -8.82 -2.83
N ALA B 256 -20.84 -7.88 -3.80
CA ALA B 256 -21.56 -8.02 -5.06
C ALA B 256 -20.67 -8.63 -6.13
N ASP B 257 -20.75 -9.94 -6.31
CA ASP B 257 -19.93 -10.65 -7.28
C ASP B 257 -20.70 -10.87 -8.59
N VAL B 258 -20.04 -10.65 -9.74
CA VAL B 258 -20.69 -10.74 -11.04
C VAL B 258 -19.62 -10.89 -12.11
N SER B 259 -19.92 -11.68 -13.15
CA SER B 259 -18.98 -11.85 -14.26
C SER B 259 -19.22 -10.76 -15.29
N ILE B 260 -18.17 -10.35 -16.01
CA ILE B 260 -18.32 -9.38 -17.09
C ILE B 260 -19.01 -10.05 -18.29
N ARG B 261 -19.19 -11.37 -18.23
CA ARG B 261 -19.76 -12.21 -19.27
C ARG B 261 -20.83 -13.12 -18.64
N PRO B 262 -21.64 -13.86 -19.44
CA PRO B 262 -22.64 -14.77 -18.86
C PRO B 262 -22.06 -15.89 -17.99
N GLY B 263 -20.91 -16.43 -18.41
CA GLY B 263 -20.21 -17.40 -17.59
C GLY B 263 -19.06 -16.78 -16.77
N TRP B 264 -18.58 -17.54 -15.77
CA TRP B 264 -17.37 -17.18 -15.03
C TRP B 264 -16.10 -17.48 -15.83
N PHE B 265 -16.09 -18.58 -16.59
CA PHE B 265 -14.92 -18.87 -17.41
C PHE B 265 -15.03 -18.20 -18.79
N TYR B 266 -13.92 -18.12 -19.53
CA TYR B 266 -13.95 -17.52 -20.85
C TYR B 266 -14.49 -18.51 -21.88
N HIS B 267 -15.47 -18.06 -22.67
CA HIS B 267 -16.01 -18.78 -23.82
C HIS B 267 -16.06 -17.84 -25.01
N GLU B 268 -15.55 -18.33 -26.14
CA GLU B 268 -15.30 -17.56 -27.37
C GLU B 268 -16.59 -16.99 -27.92
N ASP B 269 -17.71 -17.69 -27.71
CA ASP B 269 -19.01 -17.31 -28.25
C ASP B 269 -19.66 -16.21 -27.40
N GLN B 270 -19.18 -16.00 -26.17
CA GLN B 270 -19.79 -14.99 -25.30
C GLN B 270 -19.13 -13.63 -25.51
N ASP B 271 -19.85 -12.57 -25.10
CA ASP B 271 -19.37 -11.20 -25.15
C ASP B 271 -19.48 -10.53 -23.77
N PRO B 272 -18.62 -9.53 -23.46
CA PRO B 272 -18.74 -8.77 -22.21
C PRO B 272 -20.01 -7.91 -22.23
N LYS B 273 -20.60 -7.71 -21.05
CA LYS B 273 -21.65 -6.73 -20.85
C LYS B 273 -21.25 -5.35 -21.39
N SER B 274 -22.27 -4.55 -21.72
CA SER B 274 -22.09 -3.20 -22.21
C SER B 274 -21.73 -2.24 -21.09
N LEU B 275 -21.26 -1.07 -21.48
CA LEU B 275 -20.95 0.00 -20.56
C LEU B 275 -22.18 0.31 -19.71
N GLU B 276 -23.33 0.37 -20.35
CA GLU B 276 -24.57 0.76 -19.70
C GLU B 276 -24.94 -0.29 -18.65
N GLU B 277 -24.71 -1.57 -18.98
CA GLU B 277 -25.00 -2.66 -18.05
C GLU B 277 -24.10 -2.55 -16.80
N LEU B 278 -22.80 -2.26 -17.00
CA LEU B 278 -21.83 -2.17 -15.91
C LEU B 278 -22.15 -0.95 -15.04
N VAL B 279 -22.56 0.16 -15.67
CA VAL B 279 -23.00 1.34 -14.95
C VAL B 279 -24.21 1.00 -14.05
N GLU B 280 -25.21 0.30 -14.59
CA GLU B 280 -26.35 -0.14 -13.78
C GLU B 280 -25.89 -0.96 -12.56
N ILE B 281 -24.98 -1.92 -12.78
CA ILE B 281 -24.44 -2.79 -11.73
C ILE B 281 -23.71 -1.93 -10.71
N TYR B 282 -22.94 -0.96 -11.21
CA TYR B 282 -22.15 -0.10 -10.35
C TYR B 282 -23.04 0.67 -9.38
N PHE B 283 -24.12 1.28 -9.87
CA PHE B 283 -25.08 1.99 -9.05
C PHE B 283 -25.79 1.12 -8.02
N HIS B 284 -25.93 -0.19 -8.29
CA HIS B 284 -26.66 -1.13 -7.45
C HIS B 284 -25.71 -1.97 -6.58
N SER B 285 -24.40 -1.67 -6.66
CA SER B 285 -23.40 -2.25 -5.78
C SER B 285 -22.68 -1.16 -4.98
N VAL B 286 -21.66 -0.54 -5.59
CA VAL B 286 -20.92 0.54 -4.98
C VAL B 286 -21.88 1.67 -4.61
N GLY B 287 -22.86 1.93 -5.49
CA GLY B 287 -23.85 2.97 -5.27
C GLY B 287 -24.79 2.69 -4.07
N ARG B 288 -24.70 1.48 -3.52
CA ARG B 288 -25.52 1.08 -2.40
C ARG B 288 -24.66 0.73 -1.18
N GLY B 289 -23.39 1.18 -1.22
CA GLY B 289 -22.45 1.05 -0.13
C GLY B 289 -21.81 -0.33 -0.01
N THR B 290 -21.65 -1.09 -1.11
CA THR B 290 -20.95 -2.37 -1.08
C THR B 290 -20.01 -2.52 -2.26
N PRO B 291 -18.90 -3.31 -2.16
CA PRO B 291 -17.97 -3.50 -3.27
C PRO B 291 -18.49 -4.34 -4.43
N LEU B 292 -18.13 -3.91 -5.64
CA LEU B 292 -18.28 -4.72 -6.82
C LEU B 292 -17.03 -5.61 -6.96
N LEU B 293 -17.25 -6.93 -7.03
CA LEU B 293 -16.24 -7.89 -7.41
C LEU B 293 -16.59 -8.36 -8.82
N LEU B 294 -15.83 -7.89 -9.83
CA LEU B 294 -16.19 -8.12 -11.21
C LEU B 294 -15.17 -9.10 -11.79
N ASN B 295 -15.69 -10.17 -12.40
CA ASN B 295 -14.90 -11.26 -12.92
C ASN B 295 -14.57 -10.98 -14.40
N ILE B 296 -13.27 -11.03 -14.71
CA ILE B 296 -12.77 -10.97 -16.06
C ILE B 296 -12.00 -12.27 -16.30
N PRO B 297 -12.49 -13.19 -17.16
CA PRO B 297 -11.83 -14.48 -17.35
C PRO B 297 -10.83 -14.44 -18.51
N PRO B 298 -9.53 -14.77 -18.26
CA PRO B 298 -8.53 -14.87 -19.34
C PRO B 298 -8.84 -16.03 -20.29
N ASN B 299 -8.39 -15.89 -21.55
CA ASN B 299 -8.72 -16.81 -22.63
C ASN B 299 -7.72 -17.97 -22.64
N GLN B 300 -7.77 -18.80 -23.70
CA GLN B 300 -6.92 -19.97 -23.80
C GLN B 300 -5.45 -19.57 -24.03
N ALA B 301 -5.22 -18.38 -24.58
CA ALA B 301 -3.88 -17.82 -24.68
C ALA B 301 -3.36 -17.32 -23.32
N GLY B 302 -4.24 -17.26 -22.30
CA GLY B 302 -3.85 -16.79 -20.98
C GLY B 302 -3.89 -15.27 -20.87
N LEU B 303 -4.76 -14.63 -21.67
CA LEU B 303 -4.88 -13.18 -21.71
C LEU B 303 -6.34 -12.76 -21.57
N PHE B 304 -6.55 -11.54 -21.08
CA PHE B 304 -7.85 -10.89 -21.14
C PHE B 304 -8.23 -10.65 -22.61
N ASP B 305 -9.51 -10.86 -22.91
CA ASP B 305 -10.11 -10.55 -24.20
C ASP B 305 -10.07 -9.04 -24.47
N ALA B 306 -9.75 -8.70 -25.73
CA ALA B 306 -9.54 -7.33 -26.18
C ALA B 306 -10.75 -6.47 -25.89
N LYS B 307 -11.95 -7.02 -26.09
CA LYS B 307 -13.18 -6.27 -25.81
C LYS B 307 -13.38 -6.07 -24.31
N ASP B 308 -13.07 -7.09 -23.49
CA ASP B 308 -13.21 -6.99 -22.04
C ASP B 308 -12.36 -5.83 -21.51
N ILE B 309 -11.13 -5.75 -22.06
CA ILE B 309 -10.15 -4.74 -21.72
C ILE B 309 -10.71 -3.35 -22.05
N GLU B 310 -11.27 -3.23 -23.26
CA GLU B 310 -11.89 -2.02 -23.80
C GLU B 310 -12.96 -1.50 -22.85
N ARG B 311 -13.82 -2.44 -22.43
CA ARG B 311 -14.95 -2.20 -21.56
C ARG B 311 -14.44 -1.75 -20.18
N LEU B 312 -13.36 -2.33 -19.69
CA LEU B 312 -12.81 -1.87 -18.40
C LEU B 312 -12.33 -0.42 -18.50
N TYR B 313 -11.78 -0.01 -19.66
CA TYR B 313 -11.28 1.35 -19.82
C TYR B 313 -12.47 2.30 -19.93
N GLU B 314 -13.49 1.86 -20.65
CA GLU B 314 -14.70 2.64 -20.76
C GLU B 314 -15.33 2.84 -19.39
N PHE B 315 -15.46 1.72 -18.64
CA PHE B 315 -16.00 1.75 -17.29
C PHE B 315 -15.23 2.76 -16.46
N ALA B 316 -13.90 2.68 -16.49
CA ALA B 316 -13.08 3.58 -15.68
C ALA B 316 -13.29 5.04 -16.05
N THR B 317 -13.39 5.32 -17.37
CA THR B 317 -13.50 6.68 -17.87
C THR B 317 -14.85 7.27 -17.44
N TYR B 318 -15.88 6.43 -17.48
CA TYR B 318 -17.20 6.83 -17.01
C TYR B 318 -17.11 7.28 -15.55
N ARG B 319 -16.51 6.44 -14.72
CA ARG B 319 -16.42 6.73 -13.29
C ARG B 319 -15.57 7.98 -13.07
N ASN B 320 -14.43 8.10 -13.81
CA ASN B 320 -13.61 9.29 -13.65
C ASN B 320 -14.40 10.54 -13.98
N GLU B 321 -15.18 10.52 -15.06
CA GLU B 321 -15.92 11.72 -15.44
C GLU B 321 -17.08 11.98 -14.49
N LEU B 322 -17.72 10.91 -13.99
CA LEU B 322 -18.81 11.06 -13.02
C LEU B 322 -18.32 11.91 -11.85
N TYR B 323 -17.14 11.56 -11.34
CA TYR B 323 -16.72 12.08 -10.04
C TYR B 323 -15.93 13.39 -10.17
N LYS B 324 -15.82 13.91 -11.40
CA LYS B 324 -14.94 15.02 -11.72
C LYS B 324 -15.27 16.26 -10.89
N GLU B 325 -16.55 16.65 -10.86
CA GLU B 325 -16.95 17.85 -10.14
C GLU B 325 -18.04 17.49 -9.15
N ASP B 326 -17.73 17.64 -7.85
CA ASP B 326 -18.74 17.65 -6.80
C ASP B 326 -19.36 19.04 -6.73
N LEU B 327 -20.62 19.15 -7.14
CA LEU B 327 -21.22 20.46 -7.31
C LEU B 327 -21.69 21.00 -5.97
N ALA B 328 -21.78 20.12 -4.97
CA ALA B 328 -22.16 20.52 -3.62
C ALA B 328 -20.95 21.02 -2.83
N LEU B 329 -19.74 20.90 -3.40
CA LEU B 329 -18.56 21.18 -2.62
C LEU B 329 -18.53 22.65 -2.22
N GLY B 330 -18.48 22.91 -0.90
CA GLY B 330 -18.45 24.24 -0.32
C GLY B 330 -19.82 24.92 -0.23
N ALA B 331 -20.91 24.15 -0.38
CA ALA B 331 -22.26 24.70 -0.30
C ALA B 331 -22.59 25.01 1.16
N GLU B 332 -23.38 26.08 1.37
CA GLU B 332 -23.93 26.39 2.68
C GLU B 332 -25.02 25.35 3.00
N VAL B 333 -24.97 24.81 4.22
CA VAL B 333 -25.91 23.79 4.65
C VAL B 333 -26.50 24.26 5.97
N SER B 334 -27.83 24.12 6.12
CA SER B 334 -28.54 24.51 7.33
C SER B 334 -29.43 23.38 7.83
N GLY B 335 -29.70 23.42 9.12
CA GLY B 335 -30.51 22.44 9.80
C GLY B 335 -30.04 22.28 11.24
N PRO B 336 -30.63 21.37 12.04
CA PRO B 336 -30.19 21.17 13.41
C PRO B 336 -28.86 20.42 13.40
N ALA B 337 -28.02 20.74 14.39
CA ALA B 337 -26.69 20.15 14.55
C ALA B 337 -26.46 20.01 16.04
N LEU B 338 -25.91 18.86 16.45
CA LEU B 338 -25.63 18.54 17.84
C LEU B 338 -24.79 19.63 18.51
N SER B 339 -23.73 20.10 17.83
CA SER B 339 -22.75 21.02 18.37
C SER B 339 -21.84 21.51 17.24
N ALA B 340 -20.89 22.39 17.58
CA ALA B 340 -20.00 22.92 16.54
C ALA B 340 -19.01 21.86 16.05
N ASP B 341 -18.82 20.80 16.86
CA ASP B 341 -18.00 19.64 16.49
C ASP B 341 -18.70 18.75 15.47
N PHE B 342 -20.04 18.85 15.42
CA PHE B 342 -20.87 18.09 14.50
C PHE B 342 -21.61 19.02 13.54
N ALA B 343 -20.93 20.09 13.10
CA ALA B 343 -21.55 21.17 12.34
C ALA B 343 -22.01 20.67 10.97
N CYS B 344 -23.09 21.29 10.44
CA CYS B 344 -23.62 21.05 9.12
C CYS B 344 -22.52 21.23 8.06
N ARG B 345 -21.55 22.13 8.33
CA ARG B 345 -20.60 22.51 7.29
C ARG B 345 -19.64 21.38 6.96
N HIS B 346 -19.60 20.35 7.82
CA HIS B 346 -18.70 19.21 7.65
C HIS B 346 -19.17 18.28 6.53
N LEU B 347 -20.32 18.60 5.91
CA LEU B 347 -20.97 17.75 4.91
C LEU B 347 -20.48 18.13 3.52
N THR B 348 -19.95 19.34 3.38
CA THR B 348 -19.48 19.81 2.09
C THR B 348 -18.06 20.36 2.22
N ASP B 349 -17.31 19.92 3.26
CA ASP B 349 -16.00 20.47 3.60
C ASP B 349 -14.89 19.69 2.92
N GLY B 350 -15.26 18.57 2.27
CA GLY B 350 -14.31 17.73 1.54
C GLY B 350 -13.51 16.77 2.42
N LEU B 351 -13.97 16.52 3.66
CA LEU B 351 -13.22 15.74 4.64
C LEU B 351 -14.07 14.57 5.13
N GLU B 352 -13.51 13.35 5.00
CA GLU B 352 -14.16 12.12 5.43
C GLU B 352 -14.04 11.99 6.95
N THR B 353 -13.18 12.81 7.56
CA THR B 353 -12.86 12.78 8.97
C THR B 353 -13.79 13.70 9.78
N SER B 354 -14.46 14.65 9.10
CA SER B 354 -15.43 15.52 9.76
C SER B 354 -16.84 14.97 9.57
N SER B 355 -17.66 15.11 10.62
CA SER B 355 -19.00 14.61 10.52
C SER B 355 -20.03 15.64 10.99
N TRP B 356 -21.21 15.60 10.35
CA TRP B 356 -22.42 16.24 10.86
C TRP B 356 -23.17 15.22 11.71
N ALA B 357 -23.87 15.71 12.73
CA ALA B 357 -24.79 14.87 13.50
C ALA B 357 -25.86 15.75 14.12
N SER B 358 -26.96 15.13 14.58
CA SER B 358 -28.03 15.83 15.28
C SER B 358 -28.89 14.84 16.05
N ASP B 359 -29.26 15.23 17.28
CA ASP B 359 -30.14 14.45 18.14
C ASP B 359 -31.56 15.02 18.12
N ALA B 360 -31.84 15.95 17.18
CA ALA B 360 -33.18 16.49 16.96
C ALA B 360 -34.16 15.37 16.58
N ASP B 361 -35.46 15.58 16.91
CA ASP B 361 -36.48 14.61 16.59
C ASP B 361 -36.54 14.39 15.08
N LEU B 362 -36.78 13.14 14.68
CA LEU B 362 -36.96 12.80 13.28
C LEU B 362 -38.36 13.24 12.85
N PRO B 363 -38.58 13.61 11.56
CA PRO B 363 -37.51 13.70 10.55
C PRO B 363 -36.61 14.92 10.66
N ILE B 364 -35.31 14.71 10.35
CA ILE B 364 -34.37 15.81 10.32
C ILE B 364 -34.15 16.25 8.86
N GLN B 365 -34.15 17.57 8.64
CA GLN B 365 -33.96 18.13 7.32
C GLN B 365 -32.64 18.88 7.25
N LEU B 366 -31.86 18.62 6.19
CA LEU B 366 -30.66 19.38 5.87
C LEU B 366 -30.90 20.05 4.54
N GLU B 367 -30.64 21.37 4.50
CA GLU B 367 -30.89 22.12 3.29
C GLU B 367 -29.57 22.66 2.76
N LEU B 368 -29.30 22.37 1.48
CA LEU B 368 -28.09 22.82 0.83
C LEU B 368 -28.47 23.95 -0.11
N ASP B 369 -27.65 25.01 -0.06
CA ASP B 369 -27.66 26.10 -1.01
C ASP B 369 -26.34 26.08 -1.79
N LEU B 370 -26.42 25.79 -3.09
CA LEU B 370 -25.23 25.68 -3.92
C LEU B 370 -24.68 27.05 -4.28
N GLY B 371 -25.38 28.14 -3.91
CA GLY B 371 -24.88 29.49 -4.14
C GLY B 371 -25.22 30.00 -5.54
N SER B 372 -25.39 29.07 -6.49
CA SER B 372 -25.94 29.36 -7.81
C SER B 372 -26.64 28.11 -8.37
N PRO B 373 -27.45 28.23 -9.45
CA PRO B 373 -28.14 27.07 -10.04
C PRO B 373 -27.21 26.08 -10.74
N LYS B 374 -27.28 24.80 -10.31
CA LYS B 374 -26.41 23.79 -10.89
C LYS B 374 -27.26 22.62 -11.39
N THR B 375 -26.74 21.93 -12.41
CA THR B 375 -27.43 20.84 -13.09
C THR B 375 -26.86 19.50 -12.63
N PHE B 376 -27.70 18.63 -12.08
CA PHE B 376 -27.18 17.36 -11.58
C PHE B 376 -28.25 16.28 -11.65
N ASP B 377 -27.84 15.02 -11.54
CA ASP B 377 -28.78 13.90 -11.54
C ASP B 377 -28.35 12.80 -10.55
N VAL B 378 -27.30 13.06 -9.75
CA VAL B 378 -26.83 12.09 -8.77
C VAL B 378 -26.53 12.83 -7.46
N ILE B 379 -27.02 12.29 -6.34
CA ILE B 379 -26.59 12.73 -5.01
C ILE B 379 -25.86 11.58 -4.30
N GLU B 380 -24.81 11.94 -3.54
CA GLU B 380 -24.04 11.04 -2.73
C GLU B 380 -24.15 11.44 -1.26
N LEU B 381 -24.38 10.43 -0.41
CA LEU B 381 -24.37 10.59 1.05
C LEU B 381 -23.48 9.51 1.65
N ARG B 382 -22.78 9.86 2.74
CA ARG B 382 -21.94 8.89 3.44
C ARG B 382 -22.18 9.03 4.93
N GLU B 383 -22.27 7.89 5.61
CA GLU B 383 -22.35 7.86 7.07
C GLU B 383 -20.93 7.71 7.63
N ASP B 384 -20.80 7.64 8.96
CA ASP B 384 -19.52 7.33 9.61
C ASP B 384 -19.59 5.96 10.26
N LEU B 385 -19.23 4.93 9.50
CA LEU B 385 -19.42 3.56 9.94
C LEU B 385 -18.50 3.25 11.13
N LYS B 386 -17.55 4.14 11.42
CA LYS B 386 -16.73 3.98 12.61
C LYS B 386 -17.60 4.04 13.85
N LEU B 387 -18.75 4.74 13.73
CA LEU B 387 -19.76 4.88 14.76
C LEU B 387 -20.99 4.01 14.49
N GLY B 388 -20.92 3.17 13.45
CA GLY B 388 -21.94 2.19 13.10
C GLY B 388 -22.97 2.75 12.12
N GLN B 389 -23.64 1.83 11.41
CA GLN B 389 -24.67 2.13 10.43
C GLN B 389 -25.97 2.45 11.17
N ARG B 390 -26.66 3.52 10.76
CA ARG B 390 -27.86 4.00 11.44
C ARG B 390 -29.04 4.26 10.48
N ILE B 391 -28.84 5.06 9.41
CA ILE B 391 -29.98 5.58 8.67
C ILE B 391 -30.76 4.44 8.02
N ALA B 392 -32.11 4.44 8.21
CA ALA B 392 -33.06 3.46 7.70
C ALA B 392 -33.92 4.03 6.56
N ALA B 393 -34.06 5.38 6.46
CA ALA B 393 -34.94 5.97 5.47
C ALA B 393 -34.65 7.47 5.32
N PHE B 394 -34.63 7.92 4.06
CA PHE B 394 -34.38 9.32 3.77
C PHE B 394 -34.89 9.64 2.37
N HIS B 395 -35.05 10.93 2.08
CA HIS B 395 -35.43 11.34 0.73
C HIS B 395 -34.79 12.70 0.46
N VAL B 396 -34.77 13.04 -0.82
CA VAL B 396 -34.11 14.23 -1.34
C VAL B 396 -35.14 14.98 -2.16
N GLN B 397 -35.29 16.28 -1.84
CA GLN B 397 -36.18 17.21 -2.52
C GLN B 397 -35.30 18.30 -3.14
N VAL B 398 -35.75 18.87 -4.27
CA VAL B 398 -35.03 19.93 -4.94
C VAL B 398 -36.00 21.07 -5.27
N GLU B 399 -35.50 22.32 -5.18
CA GLU B 399 -36.31 23.49 -5.49
C GLU B 399 -36.13 23.89 -6.95
N VAL B 400 -37.21 23.80 -7.73
CA VAL B 400 -37.18 23.98 -9.17
C VAL B 400 -38.29 24.98 -9.51
N ASP B 401 -37.87 26.18 -9.96
CA ASP B 401 -38.77 27.31 -10.17
C ASP B 401 -39.52 27.62 -8.88
N GLY B 402 -38.77 27.76 -7.76
CA GLY B 402 -39.34 28.10 -6.47
C GLY B 402 -40.31 27.05 -5.88
N VAL B 403 -40.47 25.90 -6.56
CA VAL B 403 -41.34 24.83 -6.05
C VAL B 403 -40.53 23.56 -5.70
N TRP B 404 -40.69 23.12 -4.44
CA TRP B 404 -40.07 21.93 -3.90
C TRP B 404 -40.69 20.68 -4.50
N GLN B 405 -39.85 19.75 -4.96
CA GLN B 405 -40.36 18.54 -5.54
C GLN B 405 -39.42 17.38 -5.21
N GLU B 406 -39.96 16.15 -5.29
CA GLU B 406 -39.20 14.94 -5.02
C GLU B 406 -38.13 14.77 -6.09
N PHE B 407 -36.88 14.55 -5.65
CA PHE B 407 -35.77 14.12 -6.49
C PHE B 407 -35.55 12.60 -6.37
N GLY B 408 -35.55 12.09 -5.12
CA GLY B 408 -35.55 10.64 -4.93
C GLY B 408 -35.59 10.25 -3.46
N SER B 409 -35.58 8.93 -3.23
CA SER B 409 -35.70 8.33 -1.90
C SER B 409 -34.91 7.02 -1.85
N GLY B 410 -34.44 6.68 -0.66
CA GLY B 410 -33.76 5.42 -0.39
C GLY B 410 -34.07 5.00 1.04
N HIS B 411 -33.54 3.84 1.45
CA HIS B 411 -33.63 3.37 2.83
C HIS B 411 -32.29 3.60 3.52
N THR B 412 -31.31 2.74 3.21
CA THR B 412 -30.02 2.82 3.88
C THR B 412 -29.12 3.86 3.21
N VAL B 413 -28.10 4.29 3.96
CA VAL B 413 -27.01 5.05 3.37
C VAL B 413 -25.75 4.19 3.35
N GLY B 414 -25.22 3.91 4.55
CA GLY B 414 -24.06 3.04 4.63
C GLY B 414 -22.76 3.79 4.40
N TYR B 415 -21.73 3.04 3.95
CA TYR B 415 -20.44 3.66 3.69
C TYR B 415 -20.61 4.79 2.69
N LYS B 416 -21.45 4.54 1.68
CA LYS B 416 -21.61 5.45 0.55
C LYS B 416 -22.87 5.07 -0.20
N ARG B 417 -23.68 6.09 -0.52
CA ARG B 417 -24.93 5.87 -1.22
C ARG B 417 -24.99 6.83 -2.39
N LEU B 418 -25.16 6.26 -3.59
CA LEU B 418 -25.41 7.07 -4.77
C LEU B 418 -26.90 6.97 -5.11
N LEU B 419 -27.56 8.11 -5.29
CA LEU B 419 -28.96 8.06 -5.69
C LEU B 419 -29.13 8.91 -6.95
N ARG B 420 -29.61 8.28 -8.03
CA ARG B 420 -29.92 8.99 -9.27
C ARG B 420 -31.36 9.51 -9.25
N GLY B 421 -31.56 10.70 -9.83
CA GLY B 421 -32.86 11.24 -10.20
C GLY B 421 -32.84 11.76 -11.63
N ALA B 422 -34.01 12.19 -12.14
CA ALA B 422 -34.08 12.96 -13.37
C ALA B 422 -33.22 14.21 -13.23
N VAL B 423 -32.49 14.55 -14.29
CA VAL B 423 -31.63 15.72 -14.33
C VAL B 423 -32.45 16.97 -14.02
N VAL B 424 -31.92 17.81 -13.11
CA VAL B 424 -32.55 19.06 -12.72
C VAL B 424 -31.49 20.17 -12.67
N GLU B 425 -31.96 21.41 -12.88
CA GLU B 425 -31.26 22.62 -12.48
C GLU B 425 -31.88 23.15 -11.19
N ALA B 426 -31.08 23.18 -10.13
CA ALA B 426 -31.52 23.60 -8.80
C ALA B 426 -30.35 24.27 -8.07
N GLN B 427 -30.69 25.18 -7.16
CA GLN B 427 -29.68 25.76 -6.29
C GLN B 427 -29.87 25.26 -4.86
N LYS B 428 -31.10 24.84 -4.53
CA LYS B 428 -31.46 24.43 -3.18
C LYS B 428 -31.91 22.97 -3.18
N ILE B 429 -31.43 22.22 -2.19
CA ILE B 429 -31.66 20.80 -2.04
C ILE B 429 -32.00 20.53 -0.57
N ARG B 430 -32.94 19.61 -0.36
CA ARG B 430 -33.23 19.13 0.97
C ARG B 430 -33.00 17.62 1.00
N VAL B 431 -32.28 17.20 2.05
CA VAL B 431 -32.14 15.80 2.46
C VAL B 431 -32.89 15.68 3.77
N VAL B 432 -33.84 14.73 3.82
CA VAL B 432 -34.71 14.53 4.96
C VAL B 432 -34.49 13.09 5.42
N ILE B 433 -33.99 12.95 6.64
CA ILE B 433 -33.78 11.62 7.18
C ILE B 433 -35.05 11.32 7.97
N THR B 434 -35.78 10.28 7.56
CA THR B 434 -37.06 10.02 8.18
C THR B 434 -36.94 8.94 9.24
N GLU B 435 -35.94 8.05 9.10
CA GLU B 435 -35.80 6.96 10.06
C GLU B 435 -34.32 6.68 10.23
N SER B 436 -33.92 6.39 11.48
CA SER B 436 -32.55 6.09 11.84
C SER B 436 -32.53 5.28 13.13
N GLN B 437 -31.58 4.34 13.23
CA GLN B 437 -31.50 3.42 14.36
C GLN B 437 -30.88 4.10 15.58
N ALA B 438 -30.16 5.20 15.35
CA ALA B 438 -29.66 6.04 16.42
C ALA B 438 -29.49 7.42 15.80
N LEU B 439 -29.20 8.44 16.62
CA LEU B 439 -29.13 9.79 16.08
C LEU B 439 -28.18 9.74 14.90
N PRO B 440 -28.56 10.34 13.75
CA PRO B 440 -27.79 10.17 12.50
C PRO B 440 -26.59 11.09 12.36
N LEU B 441 -25.54 10.54 11.71
CA LEU B 441 -24.34 11.25 11.30
C LEU B 441 -24.22 11.12 9.78
N LEU B 442 -23.73 12.18 9.14
CA LEU B 442 -23.23 12.04 7.80
C LEU B 442 -21.88 12.75 7.73
N THR B 443 -21.01 12.26 6.84
CA THR B 443 -19.69 12.84 6.69
C THR B 443 -19.61 13.63 5.38
N LYS B 444 -20.53 13.33 4.45
CA LYS B 444 -20.44 13.97 3.16
C LYS B 444 -21.78 13.93 2.43
N ILE B 445 -22.11 15.07 1.81
CA ILE B 445 -23.12 15.14 0.78
C ILE B 445 -22.48 15.74 -0.47
N SER B 446 -22.59 15.02 -1.59
CA SER B 446 -22.03 15.44 -2.86
C SER B 446 -23.11 15.41 -3.93
N LEU B 447 -22.84 16.06 -5.07
CA LEU B 447 -23.75 16.10 -6.21
C LEU B 447 -22.95 16.03 -7.49
N TYR B 448 -23.46 15.25 -8.46
CA TYR B 448 -22.78 14.97 -9.72
C TYR B 448 -23.81 14.97 -10.85
N LYS B 449 -23.30 15.19 -12.06
CA LYS B 449 -24.02 15.04 -13.33
C LYS B 449 -23.37 13.86 -14.02
N THR B 450 -24.15 12.82 -14.35
CA THR B 450 -23.58 11.64 -14.97
C THR B 450 -23.02 12.06 -16.34
N PRO B 451 -22.03 11.31 -16.87
N PRO B 451 -22.04 11.34 -16.91
CA PRO B 451 -21.60 11.45 -18.26
CA PRO B 451 -21.46 11.74 -18.20
C PRO B 451 -22.31 10.47 -19.20
C PRO B 451 -22.39 11.49 -19.38
#